data_2ZBW
#
_entry.id   2ZBW
#
_cell.length_a   61.364
_cell.length_b   61.364
_cell.length_c   371.197
_cell.angle_alpha   90.00
_cell.angle_beta   90.00
_cell.angle_gamma   90.00
#
_symmetry.space_group_name_H-M   'P 43 21 2'
#
loop_
_entity.id
_entity.type
_entity.pdbx_description
1 polymer 'Thioredoxin reductase'
2 non-polymer 'FLAVIN-ADENINE DINUCLEOTIDE'
3 water water
#
_entity_poly.entity_id   1
_entity_poly.type   'polypeptide(L)'
_entity_poly.pdbx_seq_one_letter_code
;(MSE)AADHTDVLIVGAGPTGLFAGFYVG(MSE)RGLSFRFVDPLPEPGGQLTALYPEKYIYDVAGFPKVYAKDLVKGLV
EQVAPFNPVYSLGERAETLEREGDLFKVTTSQGNAYTAKAVIIAAGVGAFEPRRIGAPGEREFEGRGVYYAVKSKAEFQG
KRVLIVGGGDSAVDWALNLLDTARRITLIHRRPQFRAHEASVKEL(MSE)KAHEEGRLEVLTPYELRRVEGDERVRWAVV
FHNQTQEELALEVDAVLILAGYITKLGPLANWGLALEKNKIKVDTT(MSE)ATSIPGVYACGDIVTYPGKLPLIVLGFGE
AAIAANHAAAYANPALKVNPGHSSEKAAPGT
;
_entity_poly.pdbx_strand_id   A,B
#
# COMPACT_ATOMS: atom_id res chain seq x y z
N ALA A 3 10.31 -29.24 -3.03
CA ALA A 3 9.46 -30.38 -3.44
C ALA A 3 8.47 -30.01 -4.53
N ASP A 4 7.62 -30.96 -4.87
CA ASP A 4 6.59 -30.80 -5.89
C ASP A 4 5.28 -30.31 -5.28
N HIS A 5 5.18 -30.41 -3.96
CA HIS A 5 3.98 -30.01 -3.25
C HIS A 5 4.21 -28.81 -2.35
N THR A 6 3.15 -28.03 -2.16
CA THR A 6 3.17 -26.85 -1.29
C THR A 6 1.73 -26.71 -0.80
N ASP A 7 1.54 -26.08 0.35
CA ASP A 7 0.20 -25.90 0.88
C ASP A 7 -0.69 -25.11 -0.08
N VAL A 8 -0.13 -24.06 -0.68
CA VAL A 8 -0.90 -23.26 -1.61
C VAL A 8 -0.13 -22.92 -2.87
N LEU A 9 -0.81 -22.92 -4.00
CA LEU A 9 -0.17 -22.58 -5.27
C LEU A 9 -0.76 -21.25 -5.74
N ILE A 10 0.12 -20.31 -6.08
CA ILE A 10 -0.32 -19.00 -6.51
C ILE A 10 -0.04 -18.78 -7.99
N VAL A 11 -1.10 -18.54 -8.74
CA VAL A 11 -0.98 -18.28 -10.17
C VAL A 11 -0.71 -16.81 -10.41
N GLY A 12 0.53 -16.48 -10.75
CA GLY A 12 0.90 -15.11 -11.03
C GLY A 12 1.80 -14.53 -9.96
N ALA A 13 2.93 -13.96 -10.37
CA ALA A 13 3.87 -13.36 -9.43
C ALA A 13 3.84 -11.83 -9.54
N GLY A 14 2.67 -11.30 -9.85
CA GLY A 14 2.53 -9.85 -9.94
C GLY A 14 2.46 -9.30 -8.52
N PRO A 15 2.28 -7.99 -8.35
CA PRO A 15 2.22 -7.41 -7.01
C PRO A 15 1.22 -8.06 -6.07
N THR A 16 0.01 -8.35 -6.56
CA THR A 16 -0.98 -8.97 -5.68
C THR A 16 -0.61 -10.43 -5.38
N GLY A 17 -0.08 -11.15 -6.36
CA GLY A 17 0.33 -12.53 -6.15
C GLY A 17 1.42 -12.59 -5.09
N LEU A 18 2.40 -11.69 -5.20
CA LEU A 18 3.52 -11.64 -4.25
C LEU A 18 3.05 -11.36 -2.81
N PHE A 19 2.13 -10.42 -2.65
CA PHE A 19 1.66 -10.10 -1.30
C PHE A 19 0.81 -11.24 -0.75
N ALA A 20 0.05 -11.90 -1.62
CA ALA A 20 -0.76 -13.02 -1.18
C ALA A 20 0.21 -14.10 -0.68
N GLY A 21 1.31 -14.26 -1.42
CA GLY A 21 2.32 -15.25 -1.05
C GLY A 21 2.91 -14.91 0.30
N PHE A 22 3.20 -13.63 0.50
CA PHE A 22 3.73 -13.16 1.76
C PHE A 22 2.79 -13.56 2.90
N TYR A 23 1.50 -13.25 2.78
CA TYR A 23 0.59 -13.58 3.85
C TYR A 23 0.42 -15.07 4.09
N VAL A 24 0.43 -15.86 3.03
CA VAL A 24 0.32 -17.31 3.23
C VAL A 24 1.53 -17.70 4.07
N GLY A 25 2.68 -17.12 3.73
CA GLY A 25 3.89 -17.39 4.45
C GLY A 25 3.73 -17.01 5.91
N ARG A 27 1.23 -17.14 7.65
CA ARG A 27 0.40 -18.09 8.36
C ARG A 27 1.10 -19.44 8.52
N GLY A 28 2.40 -19.45 8.26
CA GLY A 28 3.20 -20.67 8.40
C GLY A 28 3.02 -21.74 7.34
N LEU A 29 2.59 -21.36 6.14
CA LEU A 29 2.37 -22.33 5.08
C LEU A 29 3.35 -22.17 3.91
N SER A 30 3.56 -23.26 3.17
CA SER A 30 4.46 -23.25 2.02
C SER A 30 3.67 -22.82 0.79
N PHE A 31 4.32 -22.17 -0.16
CA PHE A 31 3.62 -21.71 -1.34
C PHE A 31 4.53 -21.54 -2.55
N ARG A 32 3.95 -21.69 -3.73
CA ARG A 32 4.71 -21.55 -4.95
C ARG A 32 4.03 -20.61 -5.95
N PHE A 33 4.87 -19.80 -6.60
CA PHE A 33 4.39 -18.86 -7.60
C PHE A 33 4.66 -19.50 -8.96
N VAL A 34 3.65 -19.49 -9.82
CA VAL A 34 3.80 -20.00 -11.17
C VAL A 34 3.51 -18.78 -12.06
N ASP A 35 4.45 -18.44 -12.93
CA ASP A 35 4.29 -17.27 -13.82
C ASP A 35 5.23 -17.43 -15.02
N PRO A 36 4.71 -17.25 -16.25
CA PRO A 36 5.58 -17.40 -17.41
C PRO A 36 6.76 -16.41 -17.40
N LEU A 37 6.56 -15.25 -16.77
CA LEU A 37 7.63 -14.25 -16.66
C LEU A 37 8.81 -14.82 -15.88
N PRO A 38 10.04 -14.51 -16.29
CA PRO A 38 11.23 -15.00 -15.61
C PRO A 38 11.51 -14.29 -14.29
N GLU A 39 10.85 -13.16 -14.08
CA GLU A 39 11.04 -12.40 -12.85
C GLU A 39 9.67 -11.98 -12.32
N PRO A 40 9.56 -11.77 -11.00
CA PRO A 40 8.28 -11.36 -10.42
C PRO A 40 8.00 -9.88 -10.73
N GLY A 41 6.74 -9.48 -10.63
CA GLY A 41 6.42 -8.08 -10.89
C GLY A 41 5.23 -7.85 -11.80
N GLY A 42 4.85 -8.87 -12.57
CA GLY A 42 3.70 -8.73 -13.45
C GLY A 42 3.74 -7.49 -14.32
N GLN A 43 2.62 -6.77 -14.35
CA GLN A 43 2.50 -5.55 -15.15
C GLN A 43 3.53 -4.48 -14.84
N LEU A 44 3.92 -4.37 -13.57
CA LEU A 44 4.91 -3.37 -13.17
C LEU A 44 6.26 -3.68 -13.78
N THR A 45 6.63 -4.95 -13.77
CA THR A 45 7.89 -5.41 -14.31
C THR A 45 7.90 -5.42 -15.85
N ALA A 46 6.83 -5.98 -16.43
CA ALA A 46 6.72 -6.10 -17.87
C ALA A 46 6.33 -4.83 -18.66
N LEU A 47 5.56 -3.95 -18.03
CA LEU A 47 5.08 -2.75 -18.71
C LEU A 47 5.58 -1.38 -18.29
N TYR A 48 5.81 -1.14 -16.99
CA TYR A 48 6.29 0.19 -16.60
C TYR A 48 7.23 0.21 -15.41
N PRO A 49 8.32 -0.56 -15.49
CA PRO A 49 9.30 -0.62 -14.40
C PRO A 49 9.98 0.69 -14.00
N GLU A 50 10.23 1.57 -14.96
CA GLU A 50 10.91 2.82 -14.64
C GLU A 50 10.03 3.99 -14.22
N LYS A 51 8.71 3.79 -14.19
CA LYS A 51 7.82 4.88 -13.84
C LYS A 51 7.42 4.98 -12.36
N TYR A 52 7.24 6.23 -11.92
CA TYR A 52 6.84 6.50 -10.55
C TYR A 52 5.36 6.20 -10.36
N ILE A 53 5.04 5.54 -9.25
CA ILE A 53 3.65 5.24 -8.91
C ILE A 53 3.38 6.17 -7.74
N TYR A 54 2.22 6.81 -7.72
CA TYR A 54 1.86 7.76 -6.67
C TYR A 54 0.73 7.35 -5.75
N ASP A 55 -0.05 6.33 -6.12
CA ASP A 55 -1.18 5.94 -5.28
C ASP A 55 -1.05 4.61 -4.54
N VAL A 56 0.16 4.25 -4.14
CA VAL A 56 0.36 3.04 -3.35
C VAL A 56 0.49 3.61 -1.94
N ALA A 57 -0.43 3.21 -1.07
CA ALA A 57 -0.46 3.72 0.30
C ALA A 57 0.88 3.72 1.03
N GLY A 58 1.26 4.88 1.56
CA GLY A 58 2.50 5.01 2.29
C GLY A 58 3.69 5.44 1.45
N PHE A 59 3.51 5.50 0.14
CA PHE A 59 4.59 5.90 -0.75
C PHE A 59 4.27 7.21 -1.48
N PRO A 60 4.86 8.33 -1.03
CA PRO A 60 4.58 9.59 -1.73
C PRO A 60 4.84 9.37 -3.21
N LYS A 61 5.79 8.47 -3.48
CA LYS A 61 6.14 8.07 -4.84
C LYS A 61 7.14 6.93 -4.73
N VAL A 62 6.99 5.95 -5.61
CA VAL A 62 7.87 4.79 -5.64
C VAL A 62 7.91 4.22 -7.06
N TYR A 63 9.12 4.00 -7.58
CA TYR A 63 9.26 3.45 -8.91
C TYR A 63 8.60 2.08 -8.91
N ALA A 64 7.93 1.72 -10.00
CA ALA A 64 7.29 0.44 -10.10
C ALA A 64 8.29 -0.68 -9.78
N LYS A 65 9.49 -0.60 -10.34
CA LYS A 65 10.52 -1.60 -10.12
C LYS A 65 10.90 -1.72 -8.64
N ASP A 66 10.93 -0.59 -7.94
CA ASP A 66 11.28 -0.58 -6.53
C ASP A 66 10.18 -1.18 -5.65
N LEU A 67 8.92 -1.00 -6.02
CA LEU A 67 7.82 -1.55 -5.24
C LEU A 67 7.92 -3.06 -5.36
N VAL A 68 8.24 -3.53 -6.56
CA VAL A 68 8.40 -4.95 -6.82
C VAL A 68 9.53 -5.53 -5.98
N LYS A 69 10.66 -4.84 -5.91
CA LYS A 69 11.77 -5.36 -5.12
C LYS A 69 11.45 -5.31 -3.62
N GLY A 70 10.57 -4.38 -3.25
CA GLY A 70 10.19 -4.28 -1.85
C GLY A 70 9.29 -5.45 -1.49
N LEU A 71 8.43 -5.84 -2.43
CA LEU A 71 7.53 -6.96 -2.21
C LEU A 71 8.31 -8.26 -2.19
N VAL A 72 9.29 -8.39 -3.09
CA VAL A 72 10.10 -9.59 -3.13
C VAL A 72 10.87 -9.75 -1.82
N GLU A 73 11.41 -8.64 -1.32
CA GLU A 73 12.15 -8.68 -0.07
C GLU A 73 11.21 -8.97 1.11
N GLN A 74 9.95 -8.56 0.97
CA GLN A 74 8.95 -8.76 2.00
C GLN A 74 8.52 -10.22 2.05
N VAL A 75 8.54 -10.87 0.89
CA VAL A 75 8.15 -12.27 0.77
C VAL A 75 9.31 -13.23 1.08
N ALA A 76 10.54 -12.80 0.77
CA ALA A 76 11.74 -13.60 0.96
C ALA A 76 11.85 -14.49 2.21
N PRO A 77 11.69 -13.92 3.41
CA PRO A 77 11.80 -14.69 4.65
C PRO A 77 10.97 -15.98 4.74
N PHE A 78 9.93 -16.10 3.92
CA PHE A 78 9.10 -17.30 3.98
C PHE A 78 9.44 -18.34 2.91
N ASN A 79 10.70 -18.30 2.48
CA ASN A 79 11.23 -19.23 1.49
C ASN A 79 10.21 -19.56 0.41
N PRO A 80 9.88 -18.57 -0.43
CA PRO A 80 8.90 -18.85 -1.49
C PRO A 80 9.52 -19.77 -2.54
N VAL A 81 8.67 -20.51 -3.24
CA VAL A 81 9.15 -21.37 -4.29
C VAL A 81 8.83 -20.63 -5.61
N TYR A 82 9.86 -20.05 -6.22
CA TYR A 82 9.69 -19.30 -7.46
C TYR A 82 9.76 -20.18 -8.70
N SER A 83 8.63 -20.69 -9.13
CA SER A 83 8.56 -21.51 -10.33
C SER A 83 8.22 -20.61 -11.50
N LEU A 84 9.13 -19.68 -11.78
CA LEU A 84 8.97 -18.73 -12.86
C LEU A 84 9.45 -19.30 -14.19
N GLY A 85 8.99 -18.71 -15.29
CA GLY A 85 9.38 -19.21 -16.59
C GLY A 85 8.41 -20.26 -17.11
N GLU A 86 7.28 -20.41 -16.44
CA GLU A 86 6.29 -21.38 -16.90
C GLU A 86 4.87 -20.91 -16.62
N ARG A 87 3.95 -21.29 -17.50
CA ARG A 87 2.54 -20.90 -17.38
C ARG A 87 1.65 -22.06 -16.93
N ALA A 88 0.71 -21.76 -16.04
CA ALA A 88 -0.23 -22.77 -15.56
C ALA A 88 -1.21 -23.02 -16.69
N GLU A 89 -1.30 -24.26 -17.14
CA GLU A 89 -2.20 -24.60 -18.24
C GLU A 89 -3.49 -25.25 -17.78
N THR A 90 -3.40 -26.11 -16.76
CA THR A 90 -4.57 -26.81 -16.26
C THR A 90 -4.70 -26.74 -14.74
N LEU A 91 -5.92 -26.89 -14.25
CA LEU A 91 -6.20 -26.86 -12.82
C LEU A 91 -7.21 -27.97 -12.51
N GLU A 92 -6.75 -29.00 -11.82
CA GLU A 92 -7.61 -30.12 -11.48
C GLU A 92 -7.55 -30.42 -9.99
N ARG A 93 -8.58 -31.06 -9.47
CA ARG A 93 -8.59 -31.43 -8.06
C ARG A 93 -8.80 -32.94 -7.95
N GLU A 94 -7.93 -33.56 -7.17
CA GLU A 94 -7.97 -34.99 -6.92
C GLU A 94 -8.14 -35.16 -5.41
N GLY A 95 -9.36 -35.40 -4.98
CA GLY A 95 -9.61 -35.54 -3.55
C GLY A 95 -9.44 -34.19 -2.88
N ASP A 96 -8.47 -34.09 -1.97
CA ASP A 96 -8.20 -32.85 -1.26
C ASP A 96 -6.96 -32.14 -1.79
N LEU A 97 -6.63 -32.39 -3.05
CA LEU A 97 -5.48 -31.77 -3.68
C LEU A 97 -5.86 -31.09 -4.99
N PHE A 98 -5.10 -30.07 -5.33
CA PHE A 98 -5.31 -29.35 -6.58
C PHE A 98 -4.07 -29.65 -7.41
N LYS A 99 -4.27 -30.06 -8.66
CA LYS A 99 -3.15 -30.37 -9.53
C LYS A 99 -3.03 -29.35 -10.65
N VAL A 100 -1.84 -28.80 -10.81
CA VAL A 100 -1.58 -27.81 -11.84
C VAL A 100 -0.40 -28.23 -12.71
N THR A 101 -0.64 -28.42 -14.00
CA THR A 101 0.43 -28.79 -14.92
C THR A 101 0.82 -27.54 -15.70
N THR A 102 2.12 -27.34 -15.88
CA THR A 102 2.59 -26.15 -16.57
C THR A 102 2.95 -26.36 -18.04
N SER A 103 3.33 -25.27 -18.69
CA SER A 103 3.72 -25.27 -20.09
C SER A 103 5.05 -25.99 -20.24
N GLN A 104 5.75 -26.18 -19.13
CA GLN A 104 7.03 -26.87 -19.15
C GLN A 104 6.87 -28.35 -18.81
N GLY A 105 5.64 -28.84 -18.87
CA GLY A 105 5.37 -30.25 -18.59
C GLY A 105 5.34 -30.63 -17.12
N ASN A 106 5.68 -29.69 -16.23
CA ASN A 106 5.68 -29.96 -14.80
C ASN A 106 4.27 -30.11 -14.23
N ALA A 107 4.18 -30.75 -13.08
CA ALA A 107 2.89 -30.97 -12.41
C ALA A 107 3.06 -30.57 -10.94
N TYR A 108 2.29 -29.58 -10.52
CA TYR A 108 2.37 -29.10 -9.14
C TYR A 108 1.08 -29.38 -8.38
N THR A 109 1.21 -29.59 -7.07
CA THR A 109 0.05 -29.88 -6.24
C THR A 109 0.00 -28.97 -5.01
N ALA A 110 -1.21 -28.72 -4.53
CA ALA A 110 -1.38 -27.87 -3.36
C ALA A 110 -2.75 -28.07 -2.72
N LYS A 111 -2.85 -27.70 -1.44
CA LYS A 111 -4.09 -27.84 -0.69
C LYS A 111 -5.06 -26.70 -1.01
N ALA A 112 -4.54 -25.61 -1.56
CA ALA A 112 -5.38 -24.46 -1.91
C ALA A 112 -4.73 -23.63 -3.00
N VAL A 113 -5.55 -22.94 -3.79
CA VAL A 113 -5.01 -22.11 -4.86
C VAL A 113 -5.52 -20.67 -4.85
N ILE A 114 -4.64 -19.75 -5.21
CA ILE A 114 -4.96 -18.34 -5.28
C ILE A 114 -4.68 -17.90 -6.71
N ILE A 115 -5.70 -17.40 -7.39
CA ILE A 115 -5.50 -16.95 -8.75
C ILE A 115 -5.30 -15.44 -8.82
N ALA A 116 -4.06 -15.03 -9.08
CA ALA A 116 -3.72 -13.61 -9.19
C ALA A 116 -3.18 -13.40 -10.60
N ALA A 117 -3.99 -13.78 -11.59
CA ALA A 117 -3.60 -13.71 -13.01
C ALA A 117 -3.62 -12.37 -13.72
N GLY A 118 -3.98 -11.30 -13.02
CA GLY A 118 -4.00 -9.98 -13.64
C GLY A 118 -4.97 -9.88 -14.81
N VAL A 119 -4.46 -9.50 -15.97
CA VAL A 119 -5.31 -9.41 -17.15
C VAL A 119 -4.97 -10.55 -18.10
N GLY A 120 -4.07 -11.42 -17.66
CA GLY A 120 -3.69 -12.54 -18.49
C GLY A 120 -2.22 -12.91 -18.40
N ALA A 121 -1.87 -14.06 -18.96
CA ALA A 121 -0.50 -14.53 -18.92
C ALA A 121 0.35 -13.75 -19.91
N PHE A 122 1.49 -13.24 -19.43
CA PHE A 122 2.39 -12.48 -20.27
C PHE A 122 3.22 -13.38 -21.17
N GLU A 123 3.51 -12.89 -22.37
CA GLU A 123 4.35 -13.61 -23.33
C GLU A 123 4.92 -12.58 -24.31
N PRO A 124 6.17 -12.79 -24.75
CA PRO A 124 6.78 -11.86 -25.69
C PRO A 124 5.88 -11.75 -26.93
N ARG A 125 5.84 -10.56 -27.52
CA ARG A 125 5.03 -10.37 -28.71
C ARG A 125 5.85 -11.00 -29.85
N ARG A 126 5.19 -11.70 -30.76
CA ARG A 126 5.88 -12.30 -31.92
C ARG A 126 5.61 -11.41 -33.11
N ILE A 127 6.48 -11.47 -34.12
CA ILE A 127 6.28 -10.67 -35.31
C ILE A 127 5.37 -11.40 -36.28
N GLY A 128 5.53 -12.72 -36.35
CA GLY A 128 4.72 -13.53 -37.24
C GLY A 128 5.41 -13.74 -38.59
N ALA A 129 6.72 -13.53 -38.63
CA ALA A 129 7.46 -13.70 -39.88
C ALA A 129 7.87 -15.14 -40.14
N PRO A 130 7.75 -15.59 -41.40
CA PRO A 130 8.14 -16.98 -41.70
C PRO A 130 9.58 -17.15 -41.22
N GLY A 131 9.84 -18.25 -40.53
CA GLY A 131 11.18 -18.50 -40.03
C GLY A 131 11.36 -18.06 -38.59
N GLU A 132 10.55 -17.10 -38.14
CA GLU A 132 10.67 -16.62 -36.77
C GLU A 132 10.50 -17.75 -35.75
N ARG A 133 9.34 -18.41 -35.76
CA ARG A 133 9.10 -19.50 -34.83
C ARG A 133 10.03 -20.68 -35.13
N GLU A 134 10.25 -20.95 -36.41
CA GLU A 134 11.12 -22.05 -36.81
C GLU A 134 12.51 -22.02 -36.17
N PHE A 135 13.14 -20.85 -36.13
CA PHE A 135 14.49 -20.77 -35.56
C PHE A 135 14.58 -20.25 -34.12
N GLU A 136 13.45 -20.19 -33.43
CA GLU A 136 13.47 -19.76 -32.05
C GLU A 136 14.31 -20.78 -31.27
N GLY A 137 15.35 -20.31 -30.59
CA GLY A 137 16.22 -21.21 -29.85
C GLY A 137 17.40 -21.60 -30.71
N ARG A 138 17.36 -21.22 -31.98
CA ARG A 138 18.42 -21.51 -32.93
C ARG A 138 18.82 -20.23 -33.68
N GLY A 139 18.86 -19.12 -32.95
CA GLY A 139 19.21 -17.86 -33.57
C GLY A 139 18.22 -16.76 -33.28
N VAL A 140 16.96 -17.12 -33.08
CA VAL A 140 15.93 -16.14 -32.78
C VAL A 140 15.69 -16.12 -31.27
N TYR A 141 15.75 -14.94 -30.67
CA TYR A 141 15.56 -14.77 -29.23
C TYR A 141 14.49 -13.74 -28.92
N TYR A 142 13.91 -13.84 -27.72
CA TYR A 142 12.90 -12.91 -27.26
C TYR A 142 13.35 -12.24 -25.97
N ALA A 143 14.59 -12.48 -25.58
CA ALA A 143 15.15 -11.90 -24.37
C ALA A 143 16.65 -12.09 -24.41
N VAL A 144 17.36 -11.34 -23.57
CA VAL A 144 18.83 -11.45 -23.50
C VAL A 144 19.24 -12.15 -22.21
N LYS A 145 19.69 -13.40 -22.33
CA LYS A 145 20.12 -14.17 -21.17
C LYS A 145 21.43 -13.61 -20.63
N SER A 146 22.33 -13.24 -21.54
CA SER A 146 23.63 -12.69 -21.17
C SER A 146 24.27 -12.11 -22.42
N LYS A 147 25.28 -11.27 -22.25
CA LYS A 147 25.95 -10.65 -23.40
C LYS A 147 26.72 -11.67 -24.23
N ALA A 148 27.46 -12.56 -23.57
CA ALA A 148 28.23 -13.57 -24.28
C ALA A 148 27.35 -14.32 -25.29
N GLU A 149 26.05 -14.34 -25.07
CA GLU A 149 25.16 -15.03 -25.99
C GLU A 149 25.21 -14.37 -27.36
N PHE A 150 25.61 -13.10 -27.39
CA PHE A 150 25.68 -12.34 -28.63
C PHE A 150 27.08 -11.85 -28.94
N GLN A 151 28.06 -12.34 -28.18
CA GLN A 151 29.45 -11.94 -28.36
C GLN A 151 29.94 -12.18 -29.79
N GLY A 152 30.36 -11.10 -30.45
CA GLY A 152 30.87 -11.22 -31.80
C GLY A 152 29.88 -11.67 -32.87
N LYS A 153 28.59 -11.56 -32.59
CA LYS A 153 27.60 -11.97 -33.58
C LYS A 153 26.97 -10.78 -34.30
N ARG A 154 26.42 -11.03 -35.47
CA ARG A 154 25.73 -9.98 -36.22
C ARG A 154 24.28 -10.11 -35.78
N VAL A 155 23.77 -9.09 -35.10
CA VAL A 155 22.41 -9.16 -34.59
C VAL A 155 21.41 -8.14 -35.15
N LEU A 156 20.21 -8.63 -35.44
CA LEU A 156 19.13 -7.77 -35.90
C LEU A 156 18.24 -7.70 -34.68
N ILE A 157 18.00 -6.50 -34.17
CA ILE A 157 17.14 -6.31 -33.01
C ILE A 157 15.87 -5.68 -33.52
N VAL A 158 14.73 -6.20 -33.08
CA VAL A 158 13.44 -5.67 -33.50
C VAL A 158 12.63 -5.12 -32.34
N GLY A 159 12.22 -3.86 -32.44
CA GLY A 159 11.42 -3.25 -31.38
C GLY A 159 11.66 -1.76 -31.24
N GLY A 160 10.71 -1.06 -30.63
CA GLY A 160 10.86 0.38 -30.47
C GLY A 160 10.67 0.93 -29.07
N GLY A 161 10.79 0.07 -28.05
CA GLY A 161 10.62 0.52 -26.68
C GLY A 161 11.94 0.57 -25.92
N ASP A 162 11.85 0.70 -24.60
CA ASP A 162 13.04 0.77 -23.75
C ASP A 162 13.90 -0.48 -23.86
N SER A 163 13.25 -1.64 -23.92
CA SER A 163 13.97 -2.91 -24.01
C SER A 163 14.81 -3.03 -25.29
N ALA A 164 14.20 -2.76 -26.43
CA ALA A 164 14.92 -2.83 -27.71
C ALA A 164 16.06 -1.81 -27.76
N VAL A 165 15.76 -0.56 -27.43
CA VAL A 165 16.75 0.51 -27.45
C VAL A 165 17.90 0.26 -26.46
N ASP A 166 17.58 -0.11 -25.24
CA ASP A 166 18.61 -0.36 -24.24
C ASP A 166 19.57 -1.49 -24.62
N TRP A 167 19.02 -2.60 -25.13
CA TRP A 167 19.86 -3.71 -25.52
C TRP A 167 20.70 -3.42 -26.76
N ALA A 168 20.17 -2.61 -27.67
CA ALA A 168 20.94 -2.24 -28.86
C ALA A 168 22.15 -1.46 -28.37
N LEU A 169 21.92 -0.56 -27.41
CA LEU A 169 22.99 0.26 -26.84
C LEU A 169 23.93 -0.57 -25.97
N ASN A 170 23.36 -1.50 -25.20
CA ASN A 170 24.15 -2.33 -24.30
C ASN A 170 24.93 -3.47 -24.97
N LEU A 171 24.67 -3.71 -26.25
CA LEU A 171 25.38 -4.77 -26.95
C LEU A 171 26.37 -4.21 -27.97
N LEU A 172 26.44 -2.89 -28.08
CA LEU A 172 27.36 -2.25 -29.02
C LEU A 172 28.81 -2.69 -28.84
N ASP A 173 29.23 -2.92 -27.60
CA ASP A 173 30.61 -3.35 -27.34
C ASP A 173 30.72 -4.87 -27.27
N THR A 174 29.65 -5.58 -27.63
CA THR A 174 29.65 -7.04 -27.58
C THR A 174 29.47 -7.67 -28.96
N ALA A 175 28.45 -7.21 -29.68
CA ALA A 175 28.16 -7.75 -31.01
C ALA A 175 29.13 -7.25 -32.07
N ARG A 176 29.24 -8.01 -33.15
CA ARG A 176 30.09 -7.65 -34.27
C ARG A 176 29.39 -6.47 -34.96
N ARG A 177 28.07 -6.56 -35.08
CA ARG A 177 27.28 -5.50 -35.69
C ARG A 177 25.82 -5.62 -35.30
N ILE A 178 25.23 -4.47 -34.94
CA ILE A 178 23.83 -4.41 -34.55
C ILE A 178 23.02 -3.63 -35.60
N THR A 179 21.86 -4.17 -35.94
CA THR A 179 20.96 -3.50 -36.87
C THR A 179 19.65 -3.44 -36.09
N LEU A 180 19.18 -2.24 -35.80
CA LEU A 180 17.95 -2.05 -35.05
C LEU A 180 16.85 -1.51 -35.94
N ILE A 181 15.69 -2.18 -35.90
CA ILE A 181 14.54 -1.75 -36.69
C ILE A 181 13.31 -1.63 -35.81
N HIS A 182 12.40 -0.77 -36.25
CA HIS A 182 11.13 -0.55 -35.56
C HIS A 182 10.11 -0.11 -36.61
N ARG A 183 8.90 -0.66 -36.49
CA ARG A 183 7.82 -0.40 -37.42
C ARG A 183 7.30 1.04 -37.47
N ARG A 184 7.66 1.88 -36.50
CA ARG A 184 7.22 3.26 -36.49
C ARG A 184 8.44 4.15 -36.69
N PRO A 185 8.25 5.33 -37.31
CA PRO A 185 9.36 6.26 -37.55
C PRO A 185 10.11 6.64 -36.28
N GLN A 186 9.37 6.86 -35.19
CA GLN A 186 9.99 7.24 -33.93
C GLN A 186 9.99 6.13 -32.89
N PHE A 187 11.06 6.09 -32.12
CA PHE A 187 11.23 5.12 -31.04
C PHE A 187 10.52 5.70 -29.83
N ARG A 188 9.94 4.84 -29.01
CA ARG A 188 9.25 5.32 -27.83
C ARG A 188 9.80 4.73 -26.54
N ALA A 189 11.08 4.99 -26.33
CA ALA A 189 11.80 4.57 -25.14
C ALA A 189 12.05 5.88 -24.45
N HIS A 190 12.70 5.85 -23.29
CA HIS A 190 12.97 7.10 -22.58
C HIS A 190 13.72 8.04 -23.50
N GLU A 191 13.40 9.33 -23.42
CA GLU A 191 14.02 10.35 -24.25
C GLU A 191 15.53 10.40 -24.17
N ALA A 192 16.08 10.13 -22.98
CA ALA A 192 17.53 10.14 -22.81
C ALA A 192 18.14 8.99 -23.59
N SER A 193 17.44 7.86 -23.62
CA SER A 193 17.92 6.69 -24.33
C SER A 193 17.86 6.87 -25.83
N VAL A 194 16.81 7.53 -26.30
CA VAL A 194 16.66 7.77 -27.73
C VAL A 194 17.78 8.67 -28.24
N LYS A 195 18.12 9.70 -27.47
CA LYS A 195 19.17 10.63 -27.85
C LYS A 195 20.49 9.87 -27.93
N GLU A 196 20.73 9.00 -26.97
CA GLU A 196 21.97 8.23 -26.96
C GLU A 196 21.99 7.32 -28.19
N LEU A 197 20.85 6.74 -28.53
CA LEU A 197 20.75 5.87 -29.68
C LEU A 197 21.03 6.66 -30.96
N LYS A 199 22.82 9.34 -31.12
CA LYS A 199 24.23 9.71 -31.05
C LYS A 199 25.08 8.56 -31.56
N ALA A 200 24.81 7.36 -31.06
CA ALA A 200 25.55 6.17 -31.48
C ALA A 200 25.37 5.96 -32.98
N HIS A 201 24.15 6.15 -33.47
CA HIS A 201 23.88 5.96 -34.88
C HIS A 201 24.65 6.98 -35.71
N GLU A 202 24.59 8.24 -35.29
CA GLU A 202 25.29 9.30 -35.98
C GLU A 202 26.80 9.03 -36.01
N GLU A 203 27.30 8.34 -34.99
CA GLU A 203 28.72 8.02 -34.92
C GLU A 203 29.04 6.78 -35.74
N GLY A 204 28.02 6.16 -36.33
CA GLY A 204 28.21 4.98 -37.15
C GLY A 204 28.41 3.68 -36.38
N ARG A 205 27.95 3.66 -35.12
CA ARG A 205 28.13 2.48 -34.28
C ARG A 205 27.18 1.32 -34.57
N LEU A 206 26.06 1.62 -35.23
CA LEU A 206 25.09 0.59 -35.56
C LEU A 206 24.11 1.11 -36.59
N GLU A 207 23.42 0.19 -37.26
CA GLU A 207 22.42 0.59 -38.24
C GLU A 207 21.08 0.71 -37.52
N VAL A 208 20.31 1.73 -37.87
CA VAL A 208 18.99 1.94 -37.30
C VAL A 208 18.07 2.19 -38.49
N LEU A 209 17.09 1.32 -38.68
CA LEU A 209 16.16 1.45 -39.80
C LEU A 209 14.70 1.53 -39.37
N THR A 210 14.04 2.64 -39.70
CA THR A 210 12.63 2.86 -39.39
C THR A 210 12.02 3.66 -40.52
N PRO A 211 10.76 3.41 -40.86
CA PRO A 211 9.87 2.40 -40.25
C PRO A 211 10.03 1.06 -40.96
N TYR A 212 10.71 0.12 -40.33
CA TYR A 212 10.95 -1.19 -40.91
C TYR A 212 10.36 -2.36 -40.10
N GLU A 213 10.08 -3.46 -40.80
CA GLU A 213 9.54 -4.65 -40.18
C GLU A 213 10.25 -5.91 -40.67
N LEU A 214 10.12 -7.00 -39.91
CA LEU A 214 10.75 -8.25 -40.28
C LEU A 214 9.85 -9.00 -41.25
N ARG A 215 10.39 -9.30 -42.43
CA ARG A 215 9.65 -10.03 -43.45
C ARG A 215 9.80 -11.55 -43.25
N ARG A 216 11.04 -11.99 -43.03
CA ARG A 216 11.31 -13.40 -42.81
C ARG A 216 12.74 -13.63 -42.31
N VAL A 217 12.93 -14.78 -41.66
CA VAL A 217 14.22 -15.20 -41.11
C VAL A 217 14.63 -16.45 -41.88
N GLU A 218 15.88 -16.50 -42.32
CA GLU A 218 16.35 -17.64 -43.07
C GLU A 218 17.54 -18.31 -42.39
N GLY A 219 17.63 -19.62 -42.55
CA GLY A 219 18.74 -20.35 -41.97
C GLY A 219 18.72 -21.82 -42.39
N ASP A 220 19.72 -22.57 -41.93
CA ASP A 220 19.80 -23.99 -42.20
C ASP A 220 19.52 -24.69 -40.88
N GLU A 221 20.53 -24.83 -40.03
CA GLU A 221 20.29 -25.44 -38.72
C GLU A 221 20.28 -24.29 -37.69
N ARG A 222 20.60 -23.08 -38.16
CA ARG A 222 20.60 -21.87 -37.36
C ARG A 222 20.35 -20.67 -38.28
N VAL A 223 20.03 -19.52 -37.67
CA VAL A 223 19.77 -18.29 -38.43
C VAL A 223 21.01 -17.88 -39.21
N ARG A 224 20.81 -17.42 -40.43
CA ARG A 224 21.91 -16.95 -41.26
C ARG A 224 21.60 -15.61 -41.93
N TRP A 225 20.34 -15.40 -42.27
CA TRP A 225 19.91 -14.15 -42.91
C TRP A 225 18.55 -13.73 -42.42
N ALA A 226 18.21 -12.48 -42.70
CA ALA A 226 16.90 -11.94 -42.34
C ALA A 226 16.55 -10.92 -43.40
N VAL A 227 15.27 -10.86 -43.75
CA VAL A 227 14.79 -9.92 -44.74
C VAL A 227 13.87 -8.95 -44.02
N VAL A 228 14.17 -7.67 -44.14
CA VAL A 228 13.34 -6.63 -43.53
C VAL A 228 12.87 -5.70 -44.65
N PHE A 229 11.83 -4.92 -44.39
CA PHE A 229 11.31 -4.02 -45.41
C PHE A 229 10.77 -2.71 -44.87
N HIS A 230 10.91 -1.65 -45.67
CA HIS A 230 10.41 -0.32 -45.32
C HIS A 230 8.90 -0.48 -45.45
N ASN A 231 8.14 -0.30 -44.37
CA ASN A 231 6.70 -0.52 -44.51
C ASN A 231 5.91 0.60 -45.19
N GLN A 232 6.61 1.42 -45.97
CA GLN A 232 5.95 2.50 -46.71
C GLN A 232 6.33 2.32 -48.17
N THR A 233 7.62 2.29 -48.44
CA THR A 233 8.11 2.14 -49.80
C THR A 233 8.10 0.66 -50.19
N GLN A 234 7.94 -0.21 -49.19
CA GLN A 234 7.92 -1.64 -49.39
C GLN A 234 9.27 -2.18 -49.88
N GLU A 235 10.27 -1.30 -49.92
CA GLU A 235 11.60 -1.70 -50.36
C GLU A 235 12.18 -2.72 -49.37
N GLU A 236 12.75 -3.79 -49.89
CA GLU A 236 13.32 -4.84 -49.05
C GLU A 236 14.83 -4.75 -48.90
N LEU A 237 15.34 -5.35 -47.83
CA LEU A 237 16.77 -5.38 -47.56
C LEU A 237 17.11 -6.68 -46.86
N ALA A 238 18.07 -7.42 -47.42
CA ALA A 238 18.50 -8.68 -46.84
C ALA A 238 19.71 -8.43 -45.95
N LEU A 239 19.62 -8.86 -44.70
CA LEU A 239 20.70 -8.66 -43.73
C LEU A 239 21.35 -9.97 -43.30
N GLU A 240 22.67 -10.02 -43.34
CA GLU A 240 23.39 -11.19 -42.93
C GLU A 240 23.52 -11.14 -41.41
N VAL A 241 22.85 -12.03 -40.71
CA VAL A 241 22.92 -12.01 -39.26
C VAL A 241 22.99 -13.38 -38.62
N ASP A 242 23.62 -13.45 -37.44
CA ASP A 242 23.75 -14.68 -36.69
C ASP A 242 22.62 -14.80 -35.67
N ALA A 243 21.98 -13.68 -35.36
CA ALA A 243 20.88 -13.67 -34.41
C ALA A 243 19.82 -12.62 -34.70
N VAL A 244 18.58 -12.95 -34.37
CA VAL A 244 17.47 -12.03 -34.52
C VAL A 244 16.93 -11.92 -33.09
N LEU A 245 17.07 -10.73 -32.51
CA LEU A 245 16.63 -10.47 -31.15
C LEU A 245 15.35 -9.66 -31.20
N ILE A 246 14.23 -10.31 -30.91
CA ILE A 246 12.92 -9.68 -30.93
C ILE A 246 12.48 -9.13 -29.56
N LEU A 247 12.45 -7.81 -29.44
CA LEU A 247 12.07 -7.15 -28.20
C LEU A 247 11.00 -6.13 -28.54
N ALA A 248 9.84 -6.65 -28.96
CA ALA A 248 8.72 -5.82 -29.37
C ALA A 248 7.62 -5.74 -28.34
N GLY A 249 7.98 -5.93 -27.07
CA GLY A 249 6.98 -5.84 -26.02
C GLY A 249 6.30 -7.13 -25.64
N TYR A 250 5.34 -7.01 -24.74
CA TYR A 250 4.59 -8.15 -24.23
C TYR A 250 3.10 -8.03 -24.54
N ILE A 251 2.45 -9.18 -24.59
CA ILE A 251 1.00 -9.23 -24.80
C ILE A 251 0.52 -10.15 -23.68
N THR A 252 -0.76 -10.07 -23.35
CA THR A 252 -1.31 -10.93 -22.31
C THR A 252 -2.39 -11.79 -22.94
N LYS A 253 -2.55 -13.01 -22.45
CA LYS A 253 -3.59 -13.88 -22.97
C LYS A 253 -4.32 -14.51 -21.80
N LEU A 254 -5.66 -14.40 -21.81
CA LEU A 254 -6.45 -14.98 -20.76
C LEU A 254 -6.04 -16.46 -20.78
N GLY A 255 -5.97 -16.99 -22.01
CA GLY A 255 -5.56 -18.37 -22.22
C GLY A 255 -6.27 -19.51 -21.51
N PRO A 256 -5.50 -20.39 -20.85
CA PRO A 256 -6.03 -21.55 -20.12
C PRO A 256 -6.98 -21.26 -18.97
N LEU A 257 -6.85 -20.07 -18.38
CA LEU A 257 -7.71 -19.70 -17.27
C LEU A 257 -9.19 -19.76 -17.63
N ALA A 258 -9.48 -19.79 -18.93
CA ALA A 258 -10.87 -19.85 -19.39
C ALA A 258 -11.37 -21.29 -19.46
N ASN A 259 -10.50 -22.23 -19.09
CA ASN A 259 -10.84 -23.65 -19.15
C ASN A 259 -10.80 -24.31 -17.78
N TRP A 260 -10.66 -23.51 -16.73
CA TRP A 260 -10.56 -24.07 -15.39
C TRP A 260 -11.86 -24.34 -14.65
N GLY A 261 -12.99 -24.02 -15.28
CA GLY A 261 -14.28 -24.26 -14.66
C GLY A 261 -14.77 -23.21 -13.68
N LEU A 262 -14.04 -22.09 -13.60
CA LEU A 262 -14.40 -21.00 -12.70
C LEU A 262 -15.54 -20.21 -13.30
N ALA A 263 -16.35 -19.57 -12.44
CA ALA A 263 -17.46 -18.77 -12.92
C ALA A 263 -16.86 -17.43 -13.32
N LEU A 264 -16.90 -17.12 -14.61
CA LEU A 264 -16.35 -15.88 -15.12
C LEU A 264 -17.44 -14.90 -15.51
N GLU A 265 -17.04 -13.66 -15.75
CA GLU A 265 -17.95 -12.59 -16.15
C GLU A 265 -17.14 -11.57 -16.93
N LYS A 266 -17.17 -11.69 -18.26
CA LYS A 266 -16.41 -10.80 -19.14
C LYS A 266 -14.91 -11.01 -18.91
N ASN A 267 -14.50 -12.27 -18.95
CA ASN A 267 -13.09 -12.64 -18.77
C ASN A 267 -12.54 -12.36 -17.36
N LYS A 268 -13.41 -11.94 -16.43
CA LYS A 268 -12.97 -11.68 -15.06
C LYS A 268 -13.53 -12.75 -14.11
N ILE A 269 -12.78 -13.08 -13.07
CA ILE A 269 -13.23 -14.08 -12.12
C ILE A 269 -14.18 -13.48 -11.09
N LYS A 270 -15.38 -14.05 -11.00
CA LYS A 270 -16.37 -13.58 -10.05
C LYS A 270 -15.98 -14.08 -8.65
N VAL A 271 -16.03 -13.19 -7.66
CA VAL A 271 -15.67 -13.55 -6.29
C VAL A 271 -16.62 -12.91 -5.27
N ASP A 272 -16.75 -13.55 -4.10
CA ASP A 272 -17.57 -12.96 -3.07
C ASP A 272 -16.60 -12.09 -2.26
N THR A 273 -17.09 -11.46 -1.20
CA THR A 273 -16.24 -10.59 -0.39
C THR A 273 -15.10 -11.28 0.37
N THR A 274 -15.08 -12.62 0.39
CA THR A 274 -13.98 -13.33 1.05
C THR A 274 -12.94 -13.69 -0.02
N ALA A 276 -13.41 -15.76 -2.48
CA ALA A 276 -13.53 -17.14 -2.91
C ALA A 276 -14.16 -17.16 -4.30
N THR A 277 -13.68 -18.05 -5.15
CA THR A 277 -14.23 -18.19 -6.52
C THR A 277 -15.32 -19.24 -6.42
N SER A 278 -16.00 -19.52 -7.53
CA SER A 278 -17.07 -20.52 -7.54
C SER A 278 -16.59 -21.92 -7.18
N ILE A 279 -15.27 -22.10 -7.14
CA ILE A 279 -14.67 -23.39 -6.81
C ILE A 279 -14.05 -23.39 -5.41
N PRO A 280 -14.63 -24.17 -4.49
CA PRO A 280 -14.11 -24.24 -3.13
C PRO A 280 -12.61 -24.58 -3.14
N GLY A 281 -11.83 -23.85 -2.37
CA GLY A 281 -10.40 -24.08 -2.33
C GLY A 281 -9.66 -23.17 -3.28
N VAL A 282 -10.41 -22.53 -4.17
CA VAL A 282 -9.83 -21.61 -5.14
C VAL A 282 -10.25 -20.18 -4.85
N TYR A 283 -9.26 -19.33 -4.56
CA TYR A 283 -9.48 -17.93 -4.25
C TYR A 283 -8.74 -17.12 -5.31
N ALA A 284 -9.11 -15.85 -5.44
CA ALA A 284 -8.48 -14.98 -6.42
C ALA A 284 -8.37 -13.55 -5.89
N CYS A 285 -7.53 -12.74 -6.52
CA CYS A 285 -7.31 -11.36 -6.09
C CYS A 285 -6.57 -10.60 -7.19
N GLY A 286 -6.70 -9.27 -7.17
CA GLY A 286 -6.04 -8.44 -8.17
C GLY A 286 -6.93 -8.09 -9.36
N ASP A 287 -6.30 -7.67 -10.45
CA ASP A 287 -7.01 -7.29 -11.67
C ASP A 287 -7.89 -8.39 -12.26
N ILE A 288 -7.60 -9.64 -11.92
CA ILE A 288 -8.36 -10.76 -12.47
C ILE A 288 -9.78 -10.89 -11.90
N VAL A 289 -10.03 -10.30 -10.74
CA VAL A 289 -11.35 -10.42 -10.14
C VAL A 289 -12.33 -9.30 -10.49
N THR A 290 -13.62 -9.59 -10.32
CA THR A 290 -14.67 -8.61 -10.61
C THR A 290 -15.76 -8.63 -9.56
N TYR A 291 -16.20 -7.44 -9.18
CA TYR A 291 -17.27 -7.25 -8.22
C TYR A 291 -17.65 -5.78 -8.32
N PRO A 292 -18.88 -5.41 -7.91
CA PRO A 292 -19.24 -4.00 -8.02
C PRO A 292 -18.28 -3.10 -7.24
N GLY A 293 -17.71 -2.10 -7.90
CA GLY A 293 -16.80 -1.21 -7.19
C GLY A 293 -15.34 -1.56 -7.36
N LYS A 294 -15.07 -2.71 -7.96
CA LYS A 294 -13.70 -3.14 -8.20
C LYS A 294 -13.01 -2.07 -9.04
N LEU A 295 -11.76 -1.76 -8.68
CA LEU A 295 -10.98 -0.78 -9.42
C LEU A 295 -9.63 -1.44 -9.71
N PRO A 296 -9.10 -1.23 -10.92
CA PRO A 296 -7.81 -1.80 -11.33
C PRO A 296 -6.65 -1.04 -10.71
N LEU A 297 -6.57 -1.08 -9.36
CA LEU A 297 -5.53 -0.40 -8.62
C LEU A 297 -4.69 -1.38 -7.82
N ILE A 298 -3.41 -1.06 -7.70
CA ILE A 298 -2.48 -1.86 -6.93
C ILE A 298 -2.91 -1.91 -5.46
N VAL A 299 -3.18 -0.74 -4.87
CA VAL A 299 -3.56 -0.67 -3.47
C VAL A 299 -4.73 -1.58 -3.14
N LEU A 300 -5.71 -1.67 -4.04
CA LEU A 300 -6.88 -2.50 -3.80
C LEU A 300 -6.49 -3.98 -3.97
N GLY A 301 -5.60 -4.23 -4.92
CA GLY A 301 -5.14 -5.59 -5.16
C GLY A 301 -4.47 -6.15 -3.91
N PHE A 302 -3.74 -5.32 -3.18
CA PHE A 302 -3.06 -5.79 -1.97
C PHE A 302 -4.11 -6.21 -0.92
N GLY A 303 -5.18 -5.42 -0.82
CA GLY A 303 -6.24 -5.70 0.13
C GLY A 303 -6.94 -7.00 -0.19
N GLU A 304 -7.18 -7.22 -1.48
CA GLU A 304 -7.84 -8.42 -1.96
C GLU A 304 -6.93 -9.63 -1.73
N ALA A 305 -5.62 -9.42 -1.88
CA ALA A 305 -4.63 -10.48 -1.69
C ALA A 305 -4.57 -10.90 -0.22
N ALA A 306 -4.71 -9.94 0.70
CA ALA A 306 -4.69 -10.24 2.13
C ALA A 306 -5.91 -11.07 2.49
N ILE A 307 -7.04 -10.76 1.87
CA ILE A 307 -8.27 -11.48 2.12
C ILE A 307 -8.21 -12.90 1.55
N ALA A 308 -7.66 -13.05 0.34
CA ALA A 308 -7.55 -14.35 -0.29
C ALA A 308 -6.52 -15.24 0.38
N ALA A 309 -5.38 -14.65 0.73
CA ALA A 309 -4.31 -15.41 1.37
C ALA A 309 -4.76 -16.00 2.71
N ASN A 310 -5.39 -15.18 3.55
CA ASN A 310 -5.83 -15.65 4.85
C ASN A 310 -6.97 -16.65 4.79
N HIS A 311 -7.89 -16.48 3.85
CA HIS A 311 -9.00 -17.42 3.71
C HIS A 311 -8.48 -18.71 3.06
N ALA A 312 -7.50 -18.56 2.19
CA ALA A 312 -6.94 -19.73 1.51
C ALA A 312 -6.16 -20.54 2.52
N ALA A 313 -5.45 -19.85 3.40
CA ALA A 313 -4.65 -20.51 4.42
C ALA A 313 -5.52 -21.32 5.38
N ALA A 314 -6.65 -20.74 5.77
CA ALA A 314 -7.58 -21.39 6.68
C ALA A 314 -8.20 -22.58 5.96
N TYR A 315 -8.27 -22.49 4.64
CA TYR A 315 -8.83 -23.56 3.85
C TYR A 315 -7.84 -24.72 3.79
N ALA A 316 -6.56 -24.38 3.64
CA ALA A 316 -5.48 -25.36 3.57
C ALA A 316 -5.19 -25.95 4.95
N ASN A 317 -5.33 -25.13 5.99
CA ASN A 317 -5.10 -25.58 7.35
C ASN A 317 -6.24 -25.10 8.25
N PRO A 318 -7.34 -25.89 8.31
CA PRO A 318 -8.54 -25.61 9.10
C PRO A 318 -8.32 -25.29 10.57
N ALA A 319 -7.09 -25.45 11.05
CA ALA A 319 -6.78 -25.16 12.44
C ALA A 319 -6.50 -23.67 12.59
N LEU A 320 -6.26 -23.00 11.47
CA LEU A 320 -5.95 -21.58 11.47
C LEU A 320 -7.19 -20.73 11.45
N LYS A 321 -7.15 -19.60 12.15
CA LYS A 321 -8.26 -18.67 12.15
C LYS A 321 -7.98 -17.79 10.94
N VAL A 322 -9.03 -17.36 10.24
CA VAL A 322 -8.86 -16.51 9.07
C VAL A 322 -8.15 -15.23 9.47
N ASN A 323 -8.62 -14.57 10.53
CA ASN A 323 -7.97 -13.35 11.00
C ASN A 323 -6.61 -13.75 11.55
N PRO A 324 -5.53 -13.20 10.97
CA PRO A 324 -4.15 -13.50 11.37
C PRO A 324 -3.68 -12.86 12.66
N GLY A 325 -4.31 -11.77 13.07
CA GLY A 325 -3.87 -11.10 14.27
C GLY A 325 -2.86 -10.04 13.88
N HIS A 326 -2.42 -9.22 14.83
CA HIS A 326 -1.47 -8.16 14.55
C HIS A 326 -0.05 -8.63 14.28
N SER A 327 0.49 -8.25 13.13
CA SER A 327 1.85 -8.62 12.76
C SER A 327 2.83 -7.98 13.73
N SER A 328 2.51 -6.77 14.17
CA SER A 328 3.39 -6.05 15.08
C SER A 328 3.55 -6.70 16.45
N GLU A 329 2.73 -7.69 16.77
CA GLU A 329 2.82 -8.36 18.05
C GLU A 329 3.37 -9.76 17.90
N LYS A 330 3.87 -10.07 16.71
CA LYS A 330 4.46 -11.36 16.43
C LYS A 330 5.93 -11.15 16.08
N ALA A 331 6.69 -12.23 15.98
CA ALA A 331 8.10 -12.14 15.65
C ALA A 331 8.27 -11.61 14.23
N ALA A 332 9.38 -10.95 13.98
CA ALA A 332 9.66 -10.41 12.66
C ALA A 332 9.65 -11.57 11.65
N PRO A 333 9.26 -11.29 10.40
CA PRO A 333 9.23 -12.35 9.38
C PRO A 333 10.60 -13.03 9.26
N GLY A 334 10.59 -14.35 9.09
CA GLY A 334 11.83 -15.08 8.95
C GLY A 334 12.33 -15.70 10.25
N THR A 335 12.35 -14.91 11.32
CA THR A 335 12.80 -15.39 12.61
C THR A 335 12.27 -14.50 13.74
N ALA B 2 -17.66 28.47 13.22
CA ALA B 2 -16.90 27.88 12.08
C ALA B 2 -17.81 26.96 11.25
N ALA B 3 -18.05 27.36 10.01
CA ALA B 3 -18.92 26.58 9.13
C ALA B 3 -18.32 26.36 7.75
N ASP B 4 -17.02 26.11 7.70
CA ASP B 4 -16.32 25.88 6.44
C ASP B 4 -16.95 24.73 5.66
N HIS B 5 -16.74 24.74 4.34
CA HIS B 5 -17.28 23.71 3.48
C HIS B 5 -16.18 23.06 2.65
N THR B 6 -16.33 21.78 2.36
CA THR B 6 -15.39 21.02 1.52
C THR B 6 -16.23 20.03 0.73
N ASP B 7 -15.69 19.54 -0.38
CA ASP B 7 -16.43 18.58 -1.19
C ASP B 7 -16.68 17.32 -0.37
N VAL B 8 -15.68 16.91 0.39
CA VAL B 8 -15.79 15.70 1.20
C VAL B 8 -15.29 15.91 2.63
N LEU B 9 -16.00 15.34 3.59
CA LEU B 9 -15.59 15.41 4.98
C LEU B 9 -15.29 13.99 5.40
N ILE B 10 -14.13 13.77 6.01
CA ILE B 10 -13.71 12.45 6.43
C ILE B 10 -13.66 12.31 7.94
N VAL B 11 -14.41 11.35 8.46
CA VAL B 11 -14.45 11.12 9.90
C VAL B 11 -13.34 10.15 10.29
N GLY B 12 -12.30 10.70 10.89
CA GLY B 12 -11.18 9.88 11.30
C GLY B 12 -9.95 10.21 10.48
N ALA B 13 -8.82 10.42 11.15
CA ALA B 13 -7.56 10.72 10.48
C ALA B 13 -6.58 9.57 10.72
N GLY B 14 -7.13 8.37 10.85
CA GLY B 14 -6.30 7.20 11.03
C GLY B 14 -5.73 6.84 9.67
N PRO B 15 -4.97 5.74 9.54
CA PRO B 15 -4.41 5.40 8.23
C PRO B 15 -5.41 5.30 7.06
N THR B 16 -6.58 4.69 7.27
CA THR B 16 -7.50 4.59 6.14
C THR B 16 -8.09 5.97 5.78
N GLY B 17 -8.42 6.76 6.79
CA GLY B 17 -8.96 8.08 6.52
C GLY B 17 -7.96 8.93 5.75
N LEU B 18 -6.70 8.87 6.19
CA LEU B 18 -5.64 9.63 5.52
C LEU B 18 -5.51 9.25 4.05
N PHE B 19 -5.49 7.95 3.76
CA PHE B 19 -5.36 7.52 2.38
C PHE B 19 -6.60 7.89 1.57
N ALA B 20 -7.77 7.84 2.21
CA ALA B 20 -9.01 8.21 1.52
C ALA B 20 -8.88 9.68 1.13
N GLY B 21 -8.45 10.49 2.09
CA GLY B 21 -8.27 11.90 1.85
C GLY B 21 -7.32 12.11 0.68
N PHE B 22 -6.27 11.30 0.63
CA PHE B 22 -5.31 11.40 -0.46
C PHE B 22 -6.01 11.19 -1.78
N TYR B 23 -6.81 10.12 -1.89
CA TYR B 23 -7.48 9.86 -3.15
C TYR B 23 -8.54 10.88 -3.50
N VAL B 24 -9.23 11.40 -2.50
CA VAL B 24 -10.23 12.43 -2.77
C VAL B 24 -9.45 13.59 -3.40
N GLY B 25 -8.27 13.87 -2.85
CA GLY B 25 -7.43 14.93 -3.34
C GLY B 25 -6.96 14.65 -4.77
N ARG B 27 -8.62 13.21 -6.98
CA ARG B 27 -9.73 13.43 -7.89
C ARG B 27 -10.07 14.93 -8.01
N GLY B 28 -9.20 15.78 -7.46
CA GLY B 28 -9.39 17.21 -7.55
C GLY B 28 -10.40 17.85 -6.60
N LEU B 29 -10.76 17.15 -5.53
CA LEU B 29 -11.73 17.70 -4.60
C LEU B 29 -11.11 18.18 -3.30
N SER B 30 -11.85 19.04 -2.58
CA SER B 30 -11.38 19.55 -1.30
C SER B 30 -11.85 18.58 -0.22
N PHE B 31 -11.13 18.51 0.90
CA PHE B 31 -11.54 17.60 1.96
C PHE B 31 -11.03 18.00 3.33
N ARG B 32 -11.82 17.67 4.34
CA ARG B 32 -11.52 17.97 5.74
C ARG B 32 -11.48 16.70 6.61
N PHE B 33 -10.50 16.64 7.50
CA PHE B 33 -10.35 15.53 8.43
C PHE B 33 -10.86 16.01 9.79
N VAL B 34 -11.76 15.24 10.40
CA VAL B 34 -12.27 15.56 11.73
C VAL B 34 -11.92 14.38 12.65
N ASP B 35 -11.21 14.65 13.74
CA ASP B 35 -10.80 13.59 14.66
C ASP B 35 -10.50 14.17 16.04
N PRO B 36 -11.03 13.55 17.10
CA PRO B 36 -10.75 14.06 18.44
C PRO B 36 -9.27 13.93 18.80
N LEU B 37 -8.58 12.99 18.17
CA LEU B 37 -7.15 12.83 18.46
C LEU B 37 -6.47 14.11 18.01
N PRO B 38 -5.50 14.63 18.78
CA PRO B 38 -4.80 15.87 18.42
C PRO B 38 -3.89 15.80 17.21
N GLU B 39 -3.68 14.61 16.65
CA GLU B 39 -2.82 14.48 15.49
C GLU B 39 -3.29 13.31 14.63
N PRO B 40 -2.80 13.24 13.38
CA PRO B 40 -3.15 12.19 12.42
C PRO B 40 -2.57 10.84 12.83
N GLY B 41 -3.13 9.75 12.31
CA GLY B 41 -2.60 8.44 12.65
C GLY B 41 -3.49 7.42 13.34
N GLY B 42 -4.58 7.85 13.97
CA GLY B 42 -5.46 6.92 14.65
C GLY B 42 -4.80 5.96 15.62
N GLN B 43 -5.13 4.67 15.52
CA GLN B 43 -4.57 3.64 16.40
C GLN B 43 -3.06 3.55 16.35
N LEU B 44 -2.49 3.74 15.17
CA LEU B 44 -1.04 3.67 15.01
C LEU B 44 -0.41 4.73 15.91
N THR B 45 -0.87 5.97 15.78
CA THR B 45 -0.36 7.08 16.56
C THR B 45 -0.69 6.99 18.05
N ALA B 46 -1.93 6.65 18.37
CA ALA B 46 -2.37 6.59 19.77
C ALA B 46 -1.96 5.33 20.55
N LEU B 47 -2.00 4.18 19.91
CA LEU B 47 -1.68 2.94 20.62
C LEU B 47 -0.33 2.26 20.42
N TYR B 48 0.33 2.43 19.27
CA TYR B 48 1.63 1.79 19.07
C TYR B 48 2.57 2.45 18.06
N PRO B 49 2.77 3.77 18.19
CA PRO B 49 3.66 4.48 17.26
C PRO B 49 5.09 3.97 17.24
N GLU B 50 5.51 3.38 18.36
CA GLU B 50 6.87 2.87 18.51
C GLU B 50 7.11 1.46 18.01
N LYS B 51 6.07 0.79 17.54
CA LYS B 51 6.24 -0.59 17.08
C LYS B 51 6.34 -0.78 15.57
N TYR B 52 7.10 -1.80 15.19
CA TYR B 52 7.26 -2.15 13.79
C TYR B 52 6.03 -2.91 13.31
N ILE B 53 5.64 -2.64 12.06
CA ILE B 53 4.50 -3.31 11.42
C ILE B 53 5.14 -4.09 10.27
N TYR B 54 4.72 -5.33 10.07
CA TYR B 54 5.29 -6.15 9.02
C TYR B 54 4.36 -6.51 7.86
N ASP B 55 3.06 -6.30 8.02
CA ASP B 55 2.15 -6.67 6.95
C ASP B 55 1.49 -5.57 6.11
N VAL B 56 2.20 -4.47 5.92
CA VAL B 56 1.72 -3.38 5.06
C VAL B 56 2.49 -3.61 3.75
N ALA B 57 1.76 -3.79 2.66
CA ALA B 57 2.36 -4.07 1.36
C ALA B 57 3.48 -3.16 0.89
N GLY B 58 4.63 -3.76 0.59
CA GLY B 58 5.77 -3.00 0.12
C GLY B 58 6.76 -2.58 1.20
N PHE B 59 6.39 -2.78 2.46
CA PHE B 59 7.26 -2.41 3.57
C PHE B 59 7.70 -3.65 4.34
N PRO B 60 8.90 -4.17 4.03
CA PRO B 60 9.34 -5.37 4.75
C PRO B 60 9.23 -5.08 6.25
N LYS B 61 9.40 -3.82 6.59
CA LYS B 61 9.33 -3.39 7.97
C LYS B 61 9.17 -1.88 8.03
N VAL B 62 8.24 -1.41 8.85
CA VAL B 62 8.03 0.04 8.99
C VAL B 62 7.36 0.38 10.33
N TYR B 63 7.94 1.36 11.00
CA TYR B 63 7.41 1.81 12.27
C TYR B 63 6.04 2.44 12.05
N ALA B 64 5.11 2.17 12.95
CA ALA B 64 3.77 2.75 12.82
C ALA B 64 3.87 4.26 12.69
N LYS B 65 4.78 4.86 13.45
CA LYS B 65 4.97 6.30 13.42
C LYS B 65 5.44 6.77 12.03
N ASP B 66 6.34 6.00 11.42
CA ASP B 66 6.85 6.35 10.11
C ASP B 66 5.83 6.15 9.01
N LEU B 67 4.92 5.19 9.19
CA LEU B 67 3.89 4.95 8.18
C LEU B 67 2.94 6.14 8.19
N VAL B 68 2.63 6.64 9.38
CA VAL B 68 1.77 7.80 9.51
C VAL B 68 2.42 8.99 8.81
N LYS B 69 3.71 9.21 9.07
CA LYS B 69 4.43 10.31 8.44
C LYS B 69 4.35 10.19 6.93
N GLY B 70 4.50 8.96 6.43
CA GLY B 70 4.45 8.72 5.00
C GLY B 70 3.10 9.10 4.42
N LEU B 71 2.03 8.67 5.09
CA LEU B 71 0.68 8.96 4.64
C LEU B 71 0.39 10.47 4.70
N VAL B 72 0.86 11.12 5.77
CA VAL B 72 0.64 12.56 5.92
C VAL B 72 1.33 13.32 4.78
N GLU B 73 2.56 12.93 4.46
CA GLU B 73 3.31 13.55 3.38
C GLU B 73 2.66 13.27 2.03
N GLN B 74 2.08 12.10 1.91
CA GLN B 74 1.41 11.69 0.68
C GLN B 74 0.14 12.49 0.41
N VAL B 75 -0.55 12.89 1.47
CA VAL B 75 -1.78 13.66 1.29
C VAL B 75 -1.49 15.16 1.16
N ALA B 76 -0.39 15.60 1.77
CA ALA B 76 0.02 17.00 1.80
C ALA B 76 -0.10 17.84 0.52
N PRO B 77 0.34 17.31 -0.63
CA PRO B 77 0.24 18.10 -1.87
C PRO B 77 -1.17 18.58 -2.19
N PHE B 78 -2.18 17.92 -1.62
CA PHE B 78 -3.56 18.31 -1.89
C PHE B 78 -4.14 19.26 -0.86
N ASN B 79 -3.28 19.79 0.00
CA ASN B 79 -3.66 20.76 1.02
C ASN B 79 -4.94 20.38 1.77
N PRO B 80 -4.87 19.34 2.61
CA PRO B 80 -6.06 18.94 3.36
C PRO B 80 -6.35 19.91 4.50
N VAL B 81 -7.58 19.90 4.98
CA VAL B 81 -7.93 20.75 6.10
C VAL B 81 -8.00 19.82 7.30
N TYR B 82 -7.10 20.01 8.26
CA TYR B 82 -7.09 19.19 9.45
C TYR B 82 -7.86 19.85 10.59
N SER B 83 -9.00 19.26 10.96
CA SER B 83 -9.82 19.78 12.06
C SER B 83 -9.73 18.76 13.19
N LEU B 84 -8.54 18.60 13.73
CA LEU B 84 -8.29 17.65 14.81
C LEU B 84 -8.62 18.25 16.17
N GLY B 85 -8.77 17.38 17.17
CA GLY B 85 -9.10 17.85 18.50
C GLY B 85 -10.60 18.08 18.59
N GLU B 86 -11.31 17.55 17.60
CA GLU B 86 -12.77 17.69 17.54
C GLU B 86 -13.38 16.35 17.19
N ARG B 87 -14.49 16.03 17.83
CA ARG B 87 -15.17 14.78 17.53
C ARG B 87 -16.46 15.11 16.78
N ALA B 88 -16.80 14.30 15.79
CA ALA B 88 -18.01 14.49 15.01
C ALA B 88 -19.15 13.96 15.86
N GLU B 89 -20.04 14.85 16.28
CA GLU B 89 -21.18 14.46 17.12
C GLU B 89 -22.42 14.09 16.31
N THR B 90 -22.78 14.93 15.35
CA THR B 90 -23.96 14.67 14.53
C THR B 90 -23.67 14.71 13.04
N LEU B 91 -24.44 13.95 12.28
CA LEU B 91 -24.31 13.88 10.84
C LEU B 91 -25.71 14.06 10.28
N GLU B 92 -25.97 15.22 9.70
CA GLU B 92 -27.28 15.52 9.14
C GLU B 92 -27.20 15.94 7.68
N ARG B 93 -28.24 15.64 6.94
CA ARG B 93 -28.30 16.01 5.53
C ARG B 93 -29.25 17.19 5.38
N GLU B 94 -28.74 18.29 4.82
CA GLU B 94 -29.54 19.49 4.58
C GLU B 94 -29.50 19.80 3.09
N GLY B 95 -30.57 19.43 2.39
CA GLY B 95 -30.64 19.68 0.97
C GLY B 95 -29.63 18.86 0.19
N ASP B 96 -28.69 19.55 -0.47
CA ASP B 96 -27.67 18.87 -1.26
C ASP B 96 -26.38 18.70 -0.47
N LEU B 97 -26.41 19.05 0.82
CA LEU B 97 -25.22 18.95 1.65
C LEU B 97 -25.39 18.16 2.94
N PHE B 98 -24.26 17.79 3.54
CA PHE B 98 -24.22 17.06 4.80
C PHE B 98 -23.67 18.05 5.81
N LYS B 99 -24.22 18.05 7.01
CA LYS B 99 -23.72 18.94 8.04
C LYS B 99 -23.25 18.13 9.23
N VAL B 100 -22.04 18.42 9.68
CA VAL B 100 -21.49 17.74 10.83
C VAL B 100 -21.13 18.77 11.90
N THR B 101 -21.67 18.59 13.09
CA THR B 101 -21.38 19.49 14.20
C THR B 101 -20.42 18.76 15.11
N THR B 102 -19.35 19.46 15.50
CA THR B 102 -18.31 18.87 16.34
C THR B 102 -18.48 19.13 17.84
N SER B 103 -17.66 18.43 18.62
CA SER B 103 -17.67 18.56 20.07
C SER B 103 -17.22 19.97 20.45
N GLN B 104 -16.76 20.72 19.46
CA GLN B 104 -16.31 22.08 19.70
C GLN B 104 -17.35 23.11 19.23
N GLY B 105 -18.54 22.62 18.91
CA GLY B 105 -19.61 23.50 18.47
C GLY B 105 -19.56 23.87 17.00
N ASN B 106 -18.48 23.48 16.31
CA ASN B 106 -18.31 23.80 14.90
C ASN B 106 -19.31 23.06 14.02
N ALA B 107 -19.62 23.64 12.86
CA ALA B 107 -20.56 23.04 11.92
C ALA B 107 -19.98 23.05 10.51
N TYR B 108 -19.44 21.91 10.08
CA TYR B 108 -18.86 21.81 8.75
C TYR B 108 -19.85 21.13 7.80
N THR B 109 -19.73 21.44 6.51
CA THR B 109 -20.59 20.84 5.50
C THR B 109 -19.74 20.20 4.41
N ALA B 110 -20.32 19.29 3.67
CA ALA B 110 -19.62 18.61 2.58
C ALA B 110 -20.66 17.99 1.67
N LYS B 111 -20.28 17.69 0.44
CA LYS B 111 -21.19 17.10 -0.53
C LYS B 111 -21.24 15.59 -0.36
N ALA B 112 -20.17 15.04 0.23
CA ALA B 112 -20.07 13.60 0.48
C ALA B 112 -19.31 13.34 1.79
N VAL B 113 -19.57 12.18 2.38
CA VAL B 113 -18.90 11.84 3.64
C VAL B 113 -18.31 10.43 3.65
N ILE B 114 -17.09 10.33 4.16
CA ILE B 114 -16.41 9.05 4.28
C ILE B 114 -16.20 8.80 5.77
N ILE B 115 -16.71 7.69 6.28
CA ILE B 115 -16.55 7.37 7.69
C ILE B 115 -15.44 6.34 7.86
N ALA B 116 -14.33 6.76 8.46
CA ALA B 116 -13.19 5.88 8.70
C ALA B 116 -12.92 5.99 10.20
N ALA B 117 -13.96 5.65 10.98
CA ALA B 117 -13.92 5.77 12.43
C ALA B 117 -13.21 4.70 13.25
N GLY B 118 -12.66 3.68 12.59
CA GLY B 118 -11.95 2.63 13.32
C GLY B 118 -12.83 1.83 14.26
N VAL B 119 -12.42 1.73 15.52
CA VAL B 119 -13.20 1.01 16.53
C VAL B 119 -13.85 2.02 17.46
N GLY B 120 -13.75 3.30 17.11
CA GLY B 120 -14.36 4.33 17.94
C GLY B 120 -13.52 5.57 18.08
N ALA B 121 -14.13 6.59 18.69
CA ALA B 121 -13.47 7.88 18.91
C ALA B 121 -12.50 7.83 20.07
N PHE B 122 -11.28 8.31 19.85
CA PHE B 122 -10.25 8.35 20.89
C PHE B 122 -10.51 9.53 21.81
N GLU B 123 -10.12 9.37 23.08
CA GLU B 123 -10.26 10.42 24.07
C GLU B 123 -9.23 10.14 25.16
N PRO B 124 -8.66 11.20 25.75
CA PRO B 124 -7.66 11.05 26.80
C PRO B 124 -8.13 10.17 27.95
N ARG B 125 -7.29 9.26 28.41
CA ARG B 125 -7.69 8.45 29.54
C ARG B 125 -7.35 9.26 30.79
N ARG B 126 -8.23 9.24 31.78
CA ARG B 126 -7.97 9.98 33.01
C ARG B 126 -7.16 9.13 33.97
N ILE B 127 -6.51 9.78 34.94
CA ILE B 127 -5.73 9.06 35.94
C ILE B 127 -6.67 8.62 37.07
N GLY B 128 -7.64 9.46 37.39
CA GLY B 128 -8.58 9.15 38.45
C GLY B 128 -8.15 9.69 39.81
N ALA B 129 -7.21 10.63 39.83
CA ALA B 129 -6.73 11.21 41.07
C ALA B 129 -7.62 12.36 41.54
N PRO B 130 -7.90 12.43 42.86
CA PRO B 130 -8.74 13.53 43.37
C PRO B 130 -8.16 14.87 42.91
N GLY B 131 -9.02 15.79 42.48
CA GLY B 131 -8.55 17.09 42.02
C GLY B 131 -8.30 17.17 40.51
N GLU B 132 -8.03 16.02 39.89
CA GLU B 132 -7.77 15.95 38.45
C GLU B 132 -8.95 16.49 37.65
N ARG B 133 -10.11 15.89 37.90
CA ARG B 133 -11.35 16.25 37.22
C ARG B 133 -11.79 17.65 37.64
N GLU B 134 -11.64 17.95 38.92
CA GLU B 134 -12.03 19.25 39.46
C GLU B 134 -11.36 20.43 38.78
N PHE B 135 -10.07 20.32 38.52
CA PHE B 135 -9.32 21.42 37.92
C PHE B 135 -9.09 21.38 36.42
N GLU B 136 -9.77 20.47 35.74
CA GLU B 136 -9.65 20.37 34.30
C GLU B 136 -10.10 21.74 33.78
N GLY B 137 -9.30 22.34 32.90
CA GLY B 137 -9.66 23.65 32.38
C GLY B 137 -9.14 24.78 33.25
N ARG B 138 -8.69 24.44 34.46
CA ARG B 138 -8.16 25.42 35.40
C ARG B 138 -6.76 25.01 35.88
N GLY B 139 -5.97 24.42 34.99
CA GLY B 139 -4.64 24.00 35.36
C GLY B 139 -4.31 22.57 34.96
N VAL B 140 -5.36 21.76 34.76
CA VAL B 140 -5.18 20.37 34.35
C VAL B 140 -5.46 20.30 32.86
N TYR B 141 -4.52 19.72 32.12
CA TYR B 141 -4.62 19.60 30.66
C TYR B 141 -4.39 18.17 30.20
N TYR B 142 -4.95 17.83 29.05
CA TYR B 142 -4.80 16.51 28.46
C TYR B 142 -4.19 16.63 27.08
N ALA B 143 -3.96 17.88 26.66
CA ALA B 143 -3.37 18.16 25.36
C ALA B 143 -2.76 19.55 25.39
N VAL B 144 -1.82 19.79 24.48
CA VAL B 144 -1.16 21.08 24.36
C VAL B 144 -1.67 21.70 23.08
N LYS B 145 -2.57 22.67 23.19
CA LYS B 145 -3.12 23.32 22.02
C LYS B 145 -2.13 24.36 21.50
N SER B 146 -1.43 25.01 22.42
CA SER B 146 -0.43 26.02 22.07
C SER B 146 0.63 26.06 23.16
N LYS B 147 1.88 26.23 22.77
CA LYS B 147 2.99 26.28 23.72
C LYS B 147 2.95 27.54 24.58
N ALA B 148 2.26 28.58 24.09
CA ALA B 148 2.15 29.82 24.85
C ALA B 148 1.39 29.52 26.14
N GLU B 149 0.45 28.58 26.05
CA GLU B 149 -0.36 28.18 27.19
C GLU B 149 0.53 27.73 28.35
N PHE B 150 1.75 27.31 28.04
CA PHE B 150 2.68 26.83 29.06
C PHE B 150 3.87 27.74 29.29
N GLN B 151 3.84 28.91 28.68
CA GLN B 151 4.93 29.88 28.83
C GLN B 151 5.17 30.28 30.29
N GLY B 152 6.40 30.10 30.75
CA GLY B 152 6.76 30.47 32.12
C GLY B 152 6.03 29.70 33.21
N LYS B 153 5.37 28.61 32.84
CA LYS B 153 4.61 27.81 33.79
C LYS B 153 5.41 26.65 34.37
N ARG B 154 5.13 26.33 35.63
CA ARG B 154 5.78 25.18 36.27
C ARG B 154 4.83 24.02 35.93
N VAL B 155 5.33 23.06 35.16
CA VAL B 155 4.49 21.94 34.71
C VAL B 155 4.86 20.53 35.17
N LEU B 156 3.83 19.76 35.46
CA LEU B 156 3.99 18.36 35.83
C LEU B 156 3.38 17.59 34.67
N ILE B 157 4.16 16.71 34.05
CA ILE B 157 3.65 15.91 32.95
C ILE B 157 3.52 14.47 33.45
N VAL B 158 2.36 13.86 33.22
CA VAL B 158 2.14 12.49 33.64
C VAL B 158 1.99 11.62 32.40
N GLY B 159 2.86 10.63 32.25
CA GLY B 159 2.78 9.75 31.10
C GLY B 159 4.11 9.10 30.79
N GLY B 160 4.07 7.93 30.16
CA GLY B 160 5.28 7.21 29.83
C GLY B 160 5.28 6.76 28.38
N GLY B 161 4.31 7.26 27.61
CA GLY B 161 4.23 6.90 26.22
C GLY B 161 5.04 7.82 25.32
N ASP B 162 5.05 7.50 24.03
CA ASP B 162 5.79 8.28 23.06
C ASP B 162 5.35 9.75 23.05
N SER B 163 4.08 9.98 23.35
CA SER B 163 3.52 11.34 23.37
C SER B 163 4.02 12.20 24.55
N ALA B 164 4.13 11.60 25.72
CA ALA B 164 4.60 12.32 26.90
C ALA B 164 6.07 12.68 26.73
N VAL B 165 6.85 11.74 26.20
CA VAL B 165 8.28 11.99 26.00
C VAL B 165 8.47 13.20 25.08
N ASP B 166 7.77 13.22 23.96
CA ASP B 166 7.87 14.32 22.99
C ASP B 166 7.48 15.67 23.57
N TRP B 167 6.35 15.74 24.27
CA TRP B 167 5.92 17.01 24.83
C TRP B 167 6.81 17.57 25.92
N ALA B 168 7.47 16.69 26.67
CA ALA B 168 8.37 17.14 27.71
C ALA B 168 9.51 17.89 27.02
N LEU B 169 10.04 17.30 25.95
CA LEU B 169 11.13 17.90 25.21
C LEU B 169 10.68 19.18 24.49
N ASN B 170 9.53 19.12 23.84
CA ASN B 170 9.01 20.28 23.12
C ASN B 170 8.75 21.48 24.02
N LEU B 171 8.47 21.22 25.29
CA LEU B 171 8.19 22.29 26.23
C LEU B 171 9.42 22.89 26.91
N LEU B 172 10.53 22.17 26.88
CA LEU B 172 11.77 22.68 27.47
C LEU B 172 11.95 24.07 26.86
N ASP B 173 11.40 24.20 25.66
CA ASP B 173 11.44 25.42 24.87
C ASP B 173 10.60 26.57 25.44
N THR B 174 9.56 26.23 26.21
CA THR B 174 8.68 27.28 26.75
C THR B 174 8.32 27.25 28.23
N ALA B 175 8.31 26.08 28.85
CA ALA B 175 7.94 25.98 30.26
C ALA B 175 9.04 26.47 31.22
N ARG B 176 8.63 27.00 32.35
CA ARG B 176 9.55 27.50 33.37
C ARG B 176 10.29 26.32 33.98
N ARG B 177 9.54 25.27 34.28
CA ARG B 177 10.10 24.06 34.87
C ARG B 177 9.22 22.87 34.49
N ILE B 178 9.85 21.75 34.15
CA ILE B 178 9.12 20.56 33.78
C ILE B 178 9.49 19.38 34.67
N THR B 179 8.48 18.66 35.12
CA THR B 179 8.68 17.48 35.93
C THR B 179 7.81 16.40 35.29
N LEU B 180 8.43 15.29 34.92
CA LEU B 180 7.71 14.19 34.29
C LEU B 180 7.75 12.94 35.15
N ILE B 181 6.59 12.37 35.43
CA ILE B 181 6.51 11.15 36.21
C ILE B 181 5.96 10.04 35.34
N HIS B 182 6.35 8.82 35.63
CA HIS B 182 5.90 7.65 34.89
C HIS B 182 5.94 6.47 35.84
N ARG B 183 4.91 5.64 35.80
CA ARG B 183 4.82 4.48 36.72
C ARG B 183 5.92 3.44 36.64
N ARG B 184 6.82 3.55 35.67
CA ARG B 184 7.91 2.58 35.55
C ARG B 184 9.11 3.20 34.86
N PRO B 185 10.30 2.59 35.02
CA PRO B 185 11.56 3.06 34.44
C PRO B 185 11.60 3.18 32.91
N GLN B 186 11.06 2.18 32.21
CA GLN B 186 11.09 2.23 30.76
C GLN B 186 9.86 2.90 30.15
N PHE B 187 10.09 3.71 29.13
CA PHE B 187 9.03 4.43 28.43
C PHE B 187 8.71 3.68 27.14
N ARG B 188 7.47 3.73 26.69
CA ARG B 188 7.08 3.06 25.45
C ARG B 188 7.15 4.09 24.31
N ALA B 189 8.35 4.64 24.14
CA ALA B 189 8.62 5.64 23.11
C ALA B 189 9.88 5.21 22.37
N HIS B 190 10.14 5.85 21.22
CA HIS B 190 11.32 5.50 20.44
C HIS B 190 12.58 5.70 21.27
N GLU B 191 13.51 4.76 21.16
CA GLU B 191 14.76 4.80 21.90
C GLU B 191 15.49 6.14 21.85
N ALA B 192 15.62 6.71 20.66
CA ALA B 192 16.30 7.99 20.50
C ALA B 192 15.66 9.09 21.35
N SER B 193 14.35 9.24 21.22
CA SER B 193 13.62 10.24 21.98
C SER B 193 13.86 10.04 23.46
N VAL B 194 13.83 8.79 23.89
CA VAL B 194 14.06 8.44 25.29
C VAL B 194 15.45 8.89 25.70
N LYS B 195 16.46 8.55 24.91
CA LYS B 195 17.83 8.95 25.23
C LYS B 195 17.92 10.48 25.27
N GLU B 196 17.17 11.15 24.41
CA GLU B 196 17.18 12.61 24.37
C GLU B 196 16.57 13.18 25.65
N LEU B 197 15.56 12.50 26.18
CA LEU B 197 14.88 12.93 27.40
C LEU B 197 15.77 12.78 28.63
N LYS B 199 18.92 12.60 28.67
CA LYS B 199 20.07 13.49 28.52
C LYS B 199 19.66 14.84 29.12
N ALA B 200 18.46 15.30 28.78
CA ALA B 200 17.94 16.56 29.28
C ALA B 200 17.79 16.48 30.80
N HIS B 201 17.45 15.30 31.30
CA HIS B 201 17.30 15.09 32.74
C HIS B 201 18.65 15.31 33.42
N GLU B 202 19.65 14.56 32.98
CA GLU B 202 20.99 14.67 33.53
C GLU B 202 21.50 16.11 33.45
N GLU B 203 21.14 16.80 32.38
CA GLU B 203 21.57 18.18 32.18
C GLU B 203 20.85 19.13 33.13
N GLY B 204 19.84 18.61 33.82
CA GLY B 204 19.09 19.43 34.75
C GLY B 204 18.10 20.35 34.07
N ARG B 205 17.80 20.08 32.80
CA ARG B 205 16.85 20.90 32.06
C ARG B 205 15.44 20.59 32.57
N LEU B 206 15.23 19.34 32.96
CA LEU B 206 13.95 18.88 33.47
C LEU B 206 14.17 17.78 34.50
N GLU B 207 13.08 17.33 35.11
CA GLU B 207 13.13 16.31 36.15
C GLU B 207 12.25 15.10 35.81
N VAL B 208 12.85 13.92 35.77
CA VAL B 208 12.10 12.69 35.47
C VAL B 208 12.06 11.85 36.73
N LEU B 209 10.85 11.47 37.14
CA LEU B 209 10.69 10.66 38.34
C LEU B 209 9.98 9.36 38.01
N THR B 210 10.64 8.25 38.33
CA THR B 210 10.05 6.92 38.12
C THR B 210 10.56 6.01 39.23
N PRO B 211 9.74 5.05 39.68
CA PRO B 211 8.37 4.80 39.22
C PRO B 211 7.42 5.63 40.08
N TYR B 212 6.81 6.64 39.48
CA TYR B 212 5.90 7.52 40.21
C TYR B 212 4.54 7.67 39.54
N GLU B 213 3.54 7.95 40.36
CA GLU B 213 2.16 8.15 39.91
C GLU B 213 1.55 9.35 40.63
N LEU B 214 0.46 9.87 40.08
CA LEU B 214 -0.21 11.04 40.63
C LEU B 214 -1.20 10.68 41.75
N ARG B 215 -0.95 11.23 42.93
CA ARG B 215 -1.82 10.99 44.08
C ARG B 215 -3.03 11.91 43.99
N ARG B 216 -2.77 13.20 43.80
CA ARG B 216 -3.85 14.19 43.72
C ARG B 216 -3.39 15.57 43.27
N VAL B 217 -4.34 16.36 42.78
CA VAL B 217 -4.09 17.71 42.32
C VAL B 217 -4.78 18.67 43.29
N GLU B 218 -4.06 19.69 43.73
CA GLU B 218 -4.61 20.66 44.66
C GLU B 218 -4.54 22.08 44.13
N GLY B 219 -5.54 22.88 44.50
CA GLY B 219 -5.59 24.26 44.06
C GLY B 219 -6.71 25.02 44.74
N ASP B 220 -6.91 26.27 44.33
CA ASP B 220 -7.96 27.10 44.89
C ASP B 220 -8.89 27.50 43.75
N GLU B 221 -8.47 28.46 42.95
CA GLU B 221 -9.27 28.88 41.79
C GLU B 221 -8.61 28.18 40.61
N ARG B 222 -7.37 27.75 40.81
CA ARG B 222 -6.58 27.08 39.79
C ARG B 222 -5.57 26.16 40.47
N VAL B 223 -4.98 25.27 39.68
CA VAL B 223 -3.97 24.34 40.20
C VAL B 223 -2.83 25.09 40.86
N ARG B 224 -2.40 24.61 42.03
CA ARG B 224 -1.29 25.24 42.75
C ARG B 224 -0.24 24.18 43.06
N TRP B 225 -0.70 22.96 43.31
CA TRP B 225 0.18 21.85 43.64
C TRP B 225 -0.33 20.53 43.13
N ALA B 226 0.56 19.54 43.15
CA ALA B 226 0.25 18.18 42.77
C ALA B 226 1.08 17.28 43.68
N VAL B 227 0.48 16.20 44.16
CA VAL B 227 1.18 15.27 45.00
C VAL B 227 1.40 13.99 44.19
N VAL B 228 2.66 13.58 44.08
CA VAL B 228 3.01 12.38 43.35
C VAL B 228 3.57 11.41 44.37
N PHE B 229 3.56 10.13 44.04
CA PHE B 229 4.06 9.11 44.96
C PHE B 229 4.80 7.96 44.32
N HIS B 230 5.78 7.44 45.05
CA HIS B 230 6.58 6.30 44.61
C HIS B 230 5.63 5.10 44.75
N ASN B 231 5.28 4.46 43.64
CA ASN B 231 4.34 3.35 43.69
C ASN B 231 4.79 2.10 44.43
N GLN B 232 5.97 2.13 45.04
CA GLN B 232 6.44 0.99 45.80
C GLN B 232 6.50 1.35 47.27
N THR B 233 7.27 2.38 47.59
CA THR B 233 7.43 2.83 48.96
C THR B 233 6.28 3.72 49.43
N GLN B 234 5.45 4.14 48.49
CA GLN B 234 4.31 5.02 48.78
C GLN B 234 4.74 6.39 49.27
N GLU B 235 6.05 6.65 49.26
CA GLU B 235 6.57 7.94 49.68
C GLU B 235 6.02 9.02 48.75
N GLU B 236 5.50 10.10 49.34
CA GLU B 236 4.92 11.17 48.54
C GLU B 236 5.83 12.38 48.36
N LEU B 237 5.58 13.12 47.29
CA LEU B 237 6.35 14.31 46.98
C LEU B 237 5.37 15.39 46.52
N ALA B 238 5.46 16.57 47.13
CA ALA B 238 4.58 17.68 46.76
C ALA B 238 5.32 18.61 45.80
N LEU B 239 4.72 18.82 44.63
CA LEU B 239 5.33 19.67 43.63
C LEU B 239 4.50 20.93 43.42
N GLU B 240 5.15 22.08 43.48
CA GLU B 240 4.45 23.33 43.25
C GLU B 240 4.38 23.50 41.74
N VAL B 241 3.17 23.48 41.18
CA VAL B 241 3.00 23.63 39.74
C VAL B 241 1.79 24.47 39.36
N ASP B 242 1.87 25.03 38.15
CA ASP B 242 0.81 25.86 37.60
C ASP B 242 -0.06 25.04 36.67
N ALA B 243 0.49 23.96 36.14
CA ALA B 243 -0.25 23.12 35.23
C ALA B 243 0.12 21.66 35.38
N VAL B 244 -0.86 20.79 35.15
CA VAL B 244 -0.65 19.35 35.19
C VAL B 244 -1.10 18.87 33.82
N LEU B 245 -0.15 18.37 33.05
CA LEU B 245 -0.40 17.88 31.70
C LEU B 245 -0.45 16.37 31.75
N ILE B 246 -1.67 15.83 31.64
CA ILE B 246 -1.87 14.40 31.68
C ILE B 246 -1.75 13.84 30.27
N LEU B 247 -0.70 13.07 30.03
CA LEU B 247 -0.48 12.45 28.74
C LEU B 247 -0.29 10.96 28.98
N ALA B 248 -1.32 10.32 29.50
CA ALA B 248 -1.27 8.90 29.81
C ALA B 248 -1.97 8.06 28.73
N GLY B 249 -2.00 8.57 27.50
CA GLY B 249 -2.62 7.84 26.43
C GLY B 249 -4.10 8.13 26.18
N TYR B 250 -4.59 7.66 25.04
CA TYR B 250 -5.98 7.85 24.65
C TYR B 250 -6.68 6.49 24.60
N ILE B 251 -7.99 6.50 24.84
CA ILE B 251 -8.77 5.28 24.77
C ILE B 251 -9.95 5.54 23.85
N THR B 252 -10.54 4.48 23.32
CA THR B 252 -11.67 4.62 22.40
C THR B 252 -13.02 4.28 23.00
N LYS B 253 -14.07 4.88 22.44
CA LYS B 253 -15.46 4.65 22.80
C LYS B 253 -16.21 4.68 21.47
N LEU B 254 -17.13 3.75 21.26
CA LEU B 254 -17.86 3.73 20.00
C LEU B 254 -18.32 5.14 19.69
N GLY B 255 -18.88 5.81 20.70
CA GLY B 255 -19.30 7.18 20.53
C GLY B 255 -20.51 7.52 19.67
N PRO B 256 -20.55 8.76 19.17
CA PRO B 256 -21.56 9.41 18.32
C PRO B 256 -22.01 8.68 17.06
N LEU B 257 -21.08 8.04 16.38
CA LEU B 257 -21.42 7.35 15.13
C LEU B 257 -22.56 6.35 15.27
N ALA B 258 -22.87 5.96 16.50
CA ALA B 258 -23.97 5.01 16.71
C ALA B 258 -25.30 5.73 16.62
N ASN B 259 -25.27 7.06 16.62
CA ASN B 259 -26.48 7.88 16.57
C ASN B 259 -26.75 8.51 15.21
N TRP B 260 -26.10 8.02 14.15
CA TRP B 260 -26.30 8.64 12.85
C TRP B 260 -27.28 7.93 11.91
N GLY B 261 -27.99 6.96 12.44
CA GLY B 261 -28.96 6.23 11.64
C GLY B 261 -28.38 5.32 10.57
N LEU B 262 -27.16 4.85 10.80
CA LEU B 262 -26.49 3.97 9.85
C LEU B 262 -26.87 2.52 10.09
N ALA B 263 -26.86 1.73 9.02
CA ALA B 263 -27.14 0.32 9.16
C ALA B 263 -25.87 -0.24 9.79
N LEU B 264 -26.01 -0.81 10.98
CA LEU B 264 -24.87 -1.36 11.72
C LEU B 264 -25.06 -2.83 12.01
N GLU B 265 -23.96 -3.52 12.32
CA GLU B 265 -23.98 -4.91 12.69
C GLU B 265 -22.84 -5.10 13.67
N LYS B 266 -23.19 -5.30 14.94
CA LYS B 266 -22.20 -5.45 15.99
C LYS B 266 -21.29 -4.22 16.05
N ASN B 267 -21.91 -3.04 16.02
CA ASN B 267 -21.18 -1.78 16.11
C ASN B 267 -20.22 -1.52 14.94
N LYS B 268 -20.47 -2.17 13.80
CA LYS B 268 -19.65 -1.97 12.59
C LYS B 268 -20.61 -1.47 11.53
N ILE B 269 -20.09 -0.67 10.60
CA ILE B 269 -20.92 -0.13 9.53
C ILE B 269 -21.02 -1.09 8.35
N LYS B 270 -22.25 -1.48 8.01
CA LYS B 270 -22.47 -2.39 6.89
C LYS B 270 -22.23 -1.61 5.60
N VAL B 271 -21.55 -2.25 4.66
CA VAL B 271 -21.26 -1.60 3.38
C VAL B 271 -21.34 -2.61 2.25
N ASP B 272 -21.58 -2.14 1.03
CA ASP B 272 -21.58 -3.03 -0.11
C ASP B 272 -20.13 -2.99 -0.63
N THR B 273 -19.87 -3.60 -1.77
CA THR B 273 -18.50 -3.63 -2.28
C THR B 273 -17.95 -2.30 -2.81
N THR B 274 -18.81 -1.29 -2.95
CA THR B 274 -18.34 0.02 -3.39
C THR B 274 -18.11 0.87 -2.13
N ALA B 276 -20.18 1.80 0.05
CA ALA B 276 -21.27 2.70 0.40
C ALA B 276 -22.00 2.14 1.60
N THR B 277 -22.44 3.03 2.49
CA THR B 277 -23.18 2.64 3.68
C THR B 277 -24.65 2.64 3.30
N SER B 278 -25.52 2.40 4.28
CA SER B 278 -26.96 2.41 4.02
C SER B 278 -27.45 3.81 3.66
N ILE B 279 -26.67 4.83 4.01
CA ILE B 279 -27.04 6.21 3.72
C ILE B 279 -26.33 6.72 2.47
N PRO B 280 -27.11 7.06 1.42
CA PRO B 280 -26.55 7.56 0.15
C PRO B 280 -25.63 8.76 0.34
N GLY B 281 -24.46 8.72 -0.28
CA GLY B 281 -23.54 9.83 -0.16
C GLY B 281 -22.60 9.68 1.02
N VAL B 282 -22.82 8.63 1.82
CA VAL B 282 -21.97 8.37 2.97
C VAL B 282 -21.29 7.02 2.77
N TYR B 283 -19.96 7.06 2.74
CA TYR B 283 -19.15 5.87 2.52
C TYR B 283 -18.31 5.61 3.77
N ALA B 284 -17.71 4.42 3.83
CA ALA B 284 -16.88 4.06 4.98
C ALA B 284 -15.76 3.13 4.55
N CYS B 285 -14.75 3.00 5.40
CA CYS B 285 -13.61 2.15 5.11
C CYS B 285 -12.83 1.94 6.40
N GLY B 286 -12.03 0.88 6.43
CA GLY B 286 -11.23 0.59 7.61
C GLY B 286 -11.89 -0.32 8.63
N ASP B 287 -11.32 -0.34 9.82
CA ASP B 287 -11.80 -1.15 10.93
C ASP B 287 -13.30 -0.96 11.23
N ILE B 288 -13.86 0.18 10.85
CA ILE B 288 -15.26 0.45 11.13
C ILE B 288 -16.28 -0.29 10.26
N VAL B 289 -15.86 -0.79 9.11
CA VAL B 289 -16.83 -1.47 8.25
C VAL B 289 -16.88 -2.96 8.48
N THR B 290 -17.95 -3.57 8.00
CA THR B 290 -18.10 -5.00 8.12
C THR B 290 -18.74 -5.60 6.88
N TYR B 291 -18.26 -6.79 6.53
CA TYR B 291 -18.75 -7.55 5.41
C TYR B 291 -18.06 -8.90 5.54
N PRO B 292 -18.61 -9.96 4.92
CA PRO B 292 -18.00 -11.28 5.04
C PRO B 292 -16.57 -11.30 4.50
N GLY B 293 -15.63 -11.71 5.33
CA GLY B 293 -14.24 -11.74 4.89
C GLY B 293 -13.44 -10.53 5.32
N LYS B 294 -14.11 -9.56 5.93
CA LYS B 294 -13.45 -8.36 6.41
C LYS B 294 -12.46 -8.69 7.54
N LEU B 295 -11.25 -8.16 7.45
CA LEU B 295 -10.23 -8.37 8.47
C LEU B 295 -9.74 -7.01 8.95
N PRO B 296 -9.54 -6.85 10.27
CA PRO B 296 -9.08 -5.57 10.83
C PRO B 296 -7.59 -5.36 10.57
N LEU B 297 -7.24 -5.15 9.30
CA LEU B 297 -5.86 -4.94 8.89
C LEU B 297 -5.66 -3.63 8.13
N ILE B 298 -4.47 -3.07 8.25
CA ILE B 298 -4.13 -1.83 7.58
C ILE B 298 -4.17 -2.01 6.05
N VAL B 299 -3.60 -3.11 5.55
CA VAL B 299 -3.55 -3.35 4.11
C VAL B 299 -4.92 -3.41 3.46
N LEU B 300 -5.89 -3.99 4.14
CA LEU B 300 -7.24 -4.07 3.62
C LEU B 300 -7.90 -2.70 3.78
N GLY B 301 -7.57 -2.03 4.88
CA GLY B 301 -8.13 -0.71 5.12
C GLY B 301 -7.75 0.28 4.02
N PHE B 302 -6.52 0.18 3.51
CA PHE B 302 -6.09 1.07 2.44
C PHE B 302 -6.89 0.80 1.17
N GLY B 303 -7.07 -0.47 0.83
CA GLY B 303 -7.84 -0.81 -0.35
C GLY B 303 -9.28 -0.33 -0.25
N GLU B 304 -9.84 -0.46 0.95
CA GLU B 304 -11.21 -0.03 1.19
C GLU B 304 -11.32 1.49 1.04
N ALA B 305 -10.27 2.19 1.44
CA ALA B 305 -10.24 3.65 1.37
C ALA B 305 -10.20 4.09 -0.09
N ALA B 306 -9.42 3.37 -0.90
CA ALA B 306 -9.33 3.70 -2.31
C ALA B 306 -10.71 3.61 -2.94
N ILE B 307 -11.44 2.55 -2.61
CA ILE B 307 -12.78 2.35 -3.13
C ILE B 307 -13.75 3.42 -2.64
N ALA B 308 -13.74 3.68 -1.34
CA ALA B 308 -14.63 4.68 -0.76
C ALA B 308 -14.38 6.07 -1.32
N ALA B 309 -13.10 6.43 -1.41
CA ALA B 309 -12.71 7.75 -1.89
C ALA B 309 -13.13 8.05 -3.32
N ASN B 310 -12.94 7.09 -4.22
CA ASN B 310 -13.29 7.27 -5.62
C ASN B 310 -14.80 7.24 -5.84
N HIS B 311 -15.52 6.43 -5.08
CA HIS B 311 -16.97 6.40 -5.22
C HIS B 311 -17.55 7.68 -4.60
N ALA B 312 -16.96 8.14 -3.49
CA ALA B 312 -17.42 9.37 -2.84
C ALA B 312 -17.12 10.55 -3.76
N ALA B 313 -15.97 10.50 -4.42
CA ALA B 313 -15.57 11.56 -5.33
C ALA B 313 -16.60 11.71 -6.44
N ALA B 314 -16.99 10.58 -7.04
CA ALA B 314 -17.97 10.58 -8.12
C ALA B 314 -19.32 11.05 -7.61
N TYR B 315 -19.61 10.78 -6.34
CA TYR B 315 -20.88 11.20 -5.75
C TYR B 315 -20.90 12.71 -5.57
N ALA B 316 -19.78 13.28 -5.10
CA ALA B 316 -19.68 14.73 -4.87
C ALA B 316 -19.57 15.54 -6.17
N ASN B 317 -18.96 14.96 -7.20
CA ASN B 317 -18.84 15.65 -8.48
C ASN B 317 -19.21 14.68 -9.59
N PRO B 318 -20.49 14.68 -10.00
CA PRO B 318 -21.03 13.81 -11.05
C PRO B 318 -20.28 13.83 -12.38
N ALA B 319 -19.38 14.79 -12.56
CA ALA B 319 -18.61 14.87 -13.80
C ALA B 319 -17.41 13.93 -13.76
N LEU B 320 -17.26 13.19 -12.66
CA LEU B 320 -16.13 12.27 -12.53
C LEU B 320 -16.56 10.82 -12.61
N LYS B 321 -15.70 10.02 -13.23
CA LYS B 321 -15.93 8.59 -13.35
C LYS B 321 -15.34 8.02 -12.06
N VAL B 322 -15.79 6.87 -11.62
CA VAL B 322 -15.26 6.27 -10.41
C VAL B 322 -13.80 5.86 -10.59
N ASN B 323 -13.49 5.11 -11.65
CA ASN B 323 -12.12 4.69 -11.89
C ASN B 323 -11.30 5.96 -12.16
N PRO B 324 -10.25 6.17 -11.38
CA PRO B 324 -9.37 7.35 -11.50
C PRO B 324 -8.35 7.35 -12.63
N GLY B 325 -7.98 6.18 -13.12
CA GLY B 325 -6.98 6.12 -14.18
C GLY B 325 -5.63 5.87 -13.53
N HIS B 326 -4.65 5.47 -14.33
CA HIS B 326 -3.31 5.17 -13.81
C HIS B 326 -2.55 6.40 -13.32
N SER B 327 -2.25 6.43 -12.02
CA SER B 327 -1.54 7.57 -11.43
C SER B 327 -0.18 7.80 -12.06
N SER B 328 0.47 6.70 -12.45
CA SER B 328 1.80 6.74 -13.06
C SER B 328 1.81 7.46 -14.40
N GLU B 329 0.65 7.59 -15.02
CA GLU B 329 0.58 8.26 -16.31
C GLU B 329 0.13 9.72 -16.16
N LYS B 330 -0.07 10.13 -14.91
CA LYS B 330 -0.50 11.50 -14.64
C LYS B 330 0.58 12.35 -13.97
N ALA B 331 0.36 13.66 -13.99
CA ALA B 331 1.28 14.60 -13.38
C ALA B 331 1.42 14.25 -11.90
N ALA B 332 2.60 14.49 -11.34
CA ALA B 332 2.85 14.21 -9.93
C ALA B 332 1.80 14.89 -9.06
N PRO B 333 1.34 14.21 -7.99
CA PRO B 333 0.33 14.80 -7.11
C PRO B 333 0.58 16.28 -6.76
N GLY B 334 -0.43 17.10 -7.03
CA GLY B 334 -0.32 18.52 -6.78
C GLY B 334 -0.05 19.17 -8.13
N THR B 335 0.48 18.35 -9.03
CA THR B 335 0.85 18.67 -10.40
C THR B 335 2.36 18.49 -10.54
#